data_3K6C
#
_entry.id   3K6C
#
_cell.length_a   48.417
_cell.length_b   134.551
_cell.length_c   78.458
_cell.angle_alpha   90.00
_cell.angle_beta   96.24
_cell.angle_gamma   90.00
#
_symmetry.space_group_name_H-M   'P 1 21 1'
#
loop_
_entity.id
_entity.type
_entity.pdbx_description
1 polymer 'Uncharacterized protein NE0167'
2 water water
#
_entity_poly.entity_id   1
_entity_poly.type   'polypeptide(L)'
_entity_poly.pdbx_seq_one_letter_code
;(MSE)ANDGYFEPTQELSDETRD(MSE)HRAIISLREELEAVDLYNQRVNACKDKELKAILAHNRDEEKEHAA(MSE)LL
EWIRRCDPAFDKELKDYLFTNKPIAHE
;
_entity_poly.pdbx_strand_id   A,B,C,D,E,F,G,H,I,J
#
# COMPACT_ATOMS: atom_id res chain seq x y z
N ASP A 4 8.81 -0.33 5.87
CA ASP A 4 10.26 -0.74 6.00
C ASP A 4 10.47 -2.20 6.49
N GLY A 5 9.38 -2.88 6.84
CA GLY A 5 9.45 -4.20 7.44
C GLY A 5 9.70 -4.19 8.95
N TYR A 6 9.98 -3.01 9.52
CA TYR A 6 10.17 -2.93 10.97
C TYR A 6 8.82 -2.88 11.65
N PHE A 7 8.42 -3.96 12.27
CA PHE A 7 7.11 -3.96 12.92
C PHE A 7 7.13 -3.51 14.37
N GLU A 8 8.30 -3.55 15.00
CA GLU A 8 8.49 -3.01 16.36
C GLU A 8 9.43 -1.79 16.24
N PRO A 9 9.29 -0.79 17.14
CA PRO A 9 10.16 0.37 16.95
C PRO A 9 11.63 -0.08 17.04
N THR A 10 12.49 0.48 16.18
CA THR A 10 13.89 0.03 16.07
C THR A 10 14.66 0.16 17.37
N GLN A 11 14.39 1.23 18.12
CA GLN A 11 15.07 1.53 19.36
C GLN A 11 14.78 0.49 20.46
N GLU A 12 13.81 -0.41 20.21
CA GLU A 12 13.50 -1.53 21.12
C GLU A 12 14.08 -2.86 20.65
N LEU A 13 14.86 -2.87 19.57
CA LEU A 13 15.43 -4.11 19.05
C LEU A 13 16.95 -3.97 19.08
N SER A 14 17.65 -5.06 19.44
CA SER A 14 19.10 -5.13 19.52
C SER A 14 19.75 -5.07 18.15
N ASP A 15 21.05 -4.80 18.14
CA ASP A 15 21.92 -4.94 16.94
C ASP A 15 21.82 -6.27 16.19
N GLU A 16 21.81 -7.37 16.92
CA GLU A 16 21.76 -8.70 16.31
C GLU A 16 20.38 -9.05 15.69
N THR A 17 19.29 -8.65 16.36
CA THR A 17 17.97 -8.68 15.76
C THR A 17 17.91 -7.77 14.53
N ARG A 18 18.42 -6.56 14.63
CA ARG A 18 18.40 -5.68 13.46
C ARG A 18 19.21 -6.21 12.26
N ASP A 19 20.39 -6.76 12.50
CA ASP A 19 21.15 -7.40 11.42
C ASP A 19 20.41 -8.61 10.81
N HIS A 21 17.27 -8.92 10.71
CA HIS A 21 16.25 -8.27 9.87
C HIS A 21 16.80 -7.77 8.50
N ARG A 22 17.96 -7.11 8.51
CA ARG A 22 18.60 -6.64 7.29
C ARG A 22 18.81 -7.77 6.27
N ALA A 23 19.17 -8.93 6.81
CA ALA A 23 19.44 -10.14 6.06
C ALA A 23 18.17 -10.78 5.50
N ILE A 24 17.19 -11.06 6.35
CA ILE A 24 15.90 -11.62 5.93
C ILE A 24 15.27 -10.78 4.81
N ILE A 25 15.13 -9.47 5.04
CA ILE A 25 14.41 -8.60 4.10
C ILE A 25 15.18 -8.51 2.80
N SER A 26 16.52 -8.43 2.91
CA SER A 26 17.36 -8.48 1.72
C SER A 26 17.14 -9.77 0.93
N LEU A 27 16.99 -10.88 1.64
CA LEU A 27 16.77 -12.17 1.01
C LEU A 27 15.40 -12.19 0.33
N ARG A 28 14.41 -11.65 1.03
CA ARG A 28 13.06 -11.54 0.54
C ARG A 28 12.99 -10.71 -0.75
N GLU A 29 13.70 -9.59 -0.75
CA GLU A 29 13.72 -8.74 -1.93
C GLU A 29 14.44 -9.43 -3.10
N GLU A 30 15.51 -10.19 -2.80
CA GLU A 30 16.20 -10.96 -3.84
C GLU A 30 15.30 -12.03 -4.47
N LEU A 31 14.60 -12.81 -3.64
CA LEU A 31 13.69 -13.83 -4.14
C LEU A 31 12.59 -13.17 -4.96
N GLU A 32 12.16 -11.98 -4.55
CA GLU A 32 11.10 -11.28 -5.27
C GLU A 32 11.60 -10.94 -6.67
N ALA A 33 12.81 -10.42 -6.73
CA ALA A 33 13.53 -10.14 -8.00
C ALA A 33 13.58 -11.35 -8.91
N VAL A 34 13.90 -12.52 -8.35
CA VAL A 34 13.93 -13.75 -9.12
C VAL A 34 12.56 -14.08 -9.71
N ASP A 35 11.54 -14.04 -8.86
CA ASP A 35 10.17 -14.25 -9.28
C ASP A 35 9.74 -13.25 -10.40
N LEU A 36 10.01 -11.97 -10.18
CA LEU A 36 9.47 -10.96 -11.08
C LEU A 36 10.22 -11.07 -12.41
N TYR A 37 11.52 -11.38 -12.33
CA TYR A 37 12.36 -11.53 -13.51
C TYR A 37 11.90 -12.73 -14.30
N ASN A 38 11.64 -13.83 -13.61
CA ASN A 38 11.08 -15.01 -14.25
C ASN A 38 9.77 -14.70 -14.97
N GLN A 39 8.89 -13.90 -14.35
CA GLN A 39 7.59 -13.61 -14.97
C GLN A 39 7.82 -12.79 -16.22
N ARG A 40 8.68 -11.78 -16.07
CA ARG A 40 9.01 -10.93 -17.21
C ARG A 40 9.71 -11.67 -18.36
N VAL A 41 10.49 -12.70 -18.03
CA VAL A 41 11.23 -13.46 -19.04
C VAL A 41 10.20 -14.22 -19.88
N ASN A 42 9.27 -14.85 -19.17
CA ASN A 42 8.19 -15.60 -19.75
C ASN A 42 7.32 -14.74 -20.64
N ALA A 43 7.08 -13.50 -20.21
CA ALA A 43 6.16 -12.61 -20.94
C ALA A 43 6.87 -11.73 -21.98
N CYS A 44 8.19 -11.76 -22.01
CA CYS A 44 8.99 -10.79 -22.80
C CYS A 44 8.94 -11.16 -24.27
N LYS A 45 9.10 -10.16 -25.15
CA LYS A 45 9.09 -10.38 -26.59
C LYS A 45 10.47 -10.08 -27.22
N ASP A 46 11.02 -8.90 -26.94
CA ASP A 46 12.39 -8.59 -27.35
C ASP A 46 13.40 -9.60 -26.78
N LYS A 47 14.17 -10.20 -27.68
CA LYS A 47 15.11 -11.30 -27.37
C LYS A 47 16.33 -10.85 -26.55
N GLU A 48 16.78 -9.62 -26.80
CA GLU A 48 17.93 -9.03 -26.09
C GLU A 48 17.53 -8.66 -24.67
N LEU A 49 16.45 -7.89 -24.53
CA LEU A 49 15.88 -7.62 -23.25
C LEU A 49 15.77 -8.93 -22.48
N LYS A 50 15.16 -9.93 -23.12
CA LYS A 50 14.91 -11.19 -22.45
C LYS A 50 16.20 -11.73 -21.86
N ALA A 51 17.28 -11.71 -22.65
CA ALA A 51 18.59 -12.17 -22.19
C ALA A 51 19.09 -11.39 -20.99
N ILE A 52 18.86 -10.08 -20.97
CA ILE A 52 19.18 -9.26 -19.78
C ILE A 52 18.40 -9.72 -18.52
N LEU A 53 17.08 -9.83 -18.66
CA LEU A 53 16.25 -10.16 -17.51
C LEU A 53 16.61 -11.48 -16.85
N ALA A 54 16.87 -12.49 -17.69
CA ALA A 54 17.35 -13.83 -17.29
C ALA A 54 18.75 -13.84 -16.67
N HIS A 55 19.67 -13.06 -17.28
CA HIS A 55 20.99 -12.78 -16.66
C HIS A 55 20.84 -12.19 -15.26
N ASN A 56 20.02 -11.16 -15.09
CA ASN A 56 19.85 -10.55 -13.78
C ASN A 56 19.20 -11.51 -12.77
N ARG A 57 18.10 -12.16 -13.17
CA ARG A 57 17.43 -13.23 -12.39
C ARG A 57 18.40 -14.28 -11.84
N ASP A 58 19.33 -14.73 -12.68
CA ASP A 58 20.28 -15.73 -12.23
C ASP A 58 21.35 -15.15 -11.32
N GLU A 59 21.69 -13.87 -11.46
CA GLU A 59 22.55 -13.22 -10.45
C GLU A 59 21.87 -13.04 -9.10
N GLU A 60 20.55 -12.76 -9.10
CA GLU A 60 19.85 -12.47 -7.84
C GLU A 60 19.83 -13.78 -7.02
N LYS A 61 19.74 -14.91 -7.73
CA LYS A 61 19.93 -16.24 -7.13
C LYS A 61 21.18 -16.36 -6.29
N GLU A 62 22.26 -15.70 -6.74
CA GLU A 62 23.54 -15.68 -6.04
C GLU A 62 23.43 -14.85 -4.78
N HIS A 63 22.75 -13.74 -4.87
CA HIS A 63 22.60 -12.88 -3.71
C HIS A 63 21.81 -13.60 -2.59
N ALA A 64 20.73 -14.25 -3.01
CA ALA A 64 19.88 -15.04 -2.13
C ALA A 64 20.70 -16.11 -1.41
N ALA A 65 21.43 -16.93 -2.19
CA ALA A 65 22.27 -17.99 -1.64
C ALA A 65 23.18 -17.47 -0.53
N LEU A 67 22.95 -14.58 1.28
CA LEU A 67 22.20 -14.08 2.44
C LEU A 67 21.68 -15.22 3.30
N LEU A 68 21.15 -16.27 2.64
CA LEU A 68 20.66 -17.47 3.31
C LEU A 68 21.75 -18.12 4.14
N GLU A 69 22.95 -18.23 3.56
CA GLU A 69 24.05 -18.89 4.26
C GLU A 69 24.46 -18.10 5.50
N TRP A 70 24.48 -16.76 5.39
CA TRP A 70 24.79 -15.95 6.55
C TRP A 70 23.71 -16.15 7.64
N ILE A 71 22.43 -16.18 7.22
CA ILE A 71 21.36 -16.46 8.19
C ILE A 71 21.67 -17.81 8.84
N ARG A 72 21.97 -18.80 8.02
CA ARG A 72 22.22 -20.14 8.51
C ARG A 72 23.31 -20.16 9.60
N ARG A 73 24.40 -19.42 9.38
CA ARG A 73 25.55 -19.49 10.28
C ARG A 73 25.32 -18.88 11.65
N CYS A 74 24.26 -18.11 11.84
CA CYS A 74 23.99 -17.64 13.20
C CYS A 74 22.57 -17.97 13.65
N ASP A 75 21.99 -19.03 13.07
CA ASP A 75 20.62 -19.41 13.39
C ASP A 75 20.60 -20.91 13.44
N PRO A 76 20.94 -21.48 14.61
CA PRO A 76 21.03 -22.95 14.62
C PRO A 76 19.69 -23.65 14.30
N ALA A 77 18.56 -23.04 14.65
CA ALA A 77 17.27 -23.62 14.28
C ALA A 77 17.04 -23.62 12.79
N PHE A 78 17.46 -22.54 12.11
CA PHE A 78 17.34 -22.55 10.64
C PHE A 78 18.29 -23.59 10.09
N ASP A 79 19.47 -23.64 10.69
CA ASP A 79 20.47 -24.64 10.26
C ASP A 79 19.94 -26.08 10.32
N LYS A 80 19.31 -26.47 11.43
CA LYS A 80 18.79 -27.83 11.56
C LYS A 80 17.82 -28.23 10.44
N GLU A 81 17.01 -27.28 10.03
CA GLU A 81 15.99 -27.48 9.01
C GLU A 81 16.59 -27.57 7.60
N LEU A 82 17.48 -26.66 7.23
CA LEU A 82 18.13 -26.74 5.95
C LEU A 82 18.93 -28.03 5.80
N LYS A 83 19.61 -28.46 6.86
CA LYS A 83 20.29 -29.75 6.79
C LYS A 83 19.31 -30.91 6.64
N ASP A 84 18.09 -30.76 7.17
CA ASP A 84 17.06 -31.79 7.00
C ASP A 84 16.51 -31.91 5.60
N TYR A 85 16.39 -30.80 4.87
CA TYR A 85 15.75 -30.87 3.55
C TYR A 85 16.64 -30.57 2.37
N LEU A 86 17.65 -29.74 2.50
CA LEU A 86 18.41 -29.34 1.33
C LEU A 86 19.20 -30.49 0.72
N PHE A 87 19.12 -30.61 -0.61
CA PHE A 87 19.89 -31.58 -1.38
C PHE A 87 19.37 -33.02 -1.14
N THR A 88 18.06 -33.18 -0.95
CA THR A 88 17.51 -34.51 -0.73
C THR A 88 16.86 -35.09 -2.01
N ASN A 89 16.50 -36.37 -1.97
CA ASN A 89 15.72 -36.95 -3.09
C ASN A 89 14.31 -37.39 -2.69
N LYS A 90 14.03 -37.40 -1.40
CA LYS A 90 12.81 -38.00 -0.85
C LYS A 90 11.62 -37.02 -0.85
N PRO A 91 10.39 -37.55 -0.67
CA PRO A 91 9.26 -36.65 -0.75
C PRO A 91 9.34 -35.64 0.38
N ILE A 92 9.41 -34.36 0.01
CA ILE A 92 9.55 -33.26 0.98
C ILE A 92 8.42 -33.31 1.99
N ALA A 93 7.18 -33.26 1.49
CA ALA A 93 6.00 -33.54 2.29
C ALA A 93 5.28 -34.79 1.79
N HIS A 94 4.90 -34.76 0.51
CA HIS A 94 4.06 -35.80 -0.19
C HIS A 94 2.76 -36.23 0.54
N ASP B 4 -1.33 -9.95 -5.42
CA ASP B 4 0.08 -9.49 -5.12
C ASP B 4 1.15 -10.49 -5.60
N GLY B 5 2.30 -9.97 -6.01
CA GLY B 5 3.32 -10.79 -6.65
C GLY B 5 3.19 -11.00 -8.16
N TYR B 6 1.96 -10.89 -8.69
CA TYR B 6 1.80 -11.03 -10.14
C TYR B 6 2.07 -9.72 -10.84
N PHE B 7 3.23 -9.60 -11.50
CA PHE B 7 3.48 -8.35 -12.23
C PHE B 7 3.16 -8.47 -13.71
N GLU B 8 2.96 -9.70 -14.17
CA GLU B 8 2.43 -9.91 -15.50
C GLU B 8 1.12 -10.66 -15.39
N PRO B 9 0.16 -10.32 -16.27
CA PRO B 9 -1.10 -11.05 -16.25
C PRO B 9 -0.86 -12.57 -16.27
N THR B 10 -1.54 -13.26 -15.34
CA THR B 10 -1.42 -14.71 -15.11
C THR B 10 -1.57 -15.53 -16.39
N GLN B 11 -2.54 -15.13 -17.22
CA GLN B 11 -2.87 -15.83 -18.46
C GLN B 11 -1.73 -15.79 -19.47
N GLU B 12 -0.72 -14.94 -19.22
CA GLU B 12 0.46 -14.89 -20.12
C GLU B 12 1.62 -15.67 -19.54
N LEU B 13 1.38 -16.29 -18.39
CA LEU B 13 2.39 -17.06 -17.70
C LEU B 13 2.11 -18.56 -17.75
N SER B 14 3.13 -19.38 -18.03
CA SER B 14 2.96 -20.83 -18.04
C SER B 14 2.61 -21.40 -16.63
N ASP B 15 2.00 -22.57 -16.57
CA ASP B 15 1.73 -23.20 -15.24
C ASP B 15 3.01 -23.38 -14.44
N GLU B 16 4.10 -23.76 -15.13
CA GLU B 16 5.43 -23.88 -14.50
C GLU B 16 5.93 -22.57 -13.84
N THR B 17 5.86 -21.47 -14.57
CA THR B 17 6.23 -20.17 -14.04
C THR B 17 5.34 -19.82 -12.84
N ARG B 18 4.06 -20.21 -12.93
CA ARG B 18 3.10 -19.93 -11.86
C ARG B 18 3.34 -20.77 -10.61
N ASP B 19 3.63 -22.05 -10.75
CA ASP B 19 4.15 -22.84 -9.63
C ASP B 19 5.45 -22.31 -8.97
N HIS B 21 6.30 -19.11 -9.07
CA HIS B 21 5.73 -17.95 -8.37
C HIS B 21 5.12 -18.36 -6.99
N ARG B 22 4.31 -19.44 -6.99
CA ARG B 22 3.72 -19.94 -5.76
C ARG B 22 4.73 -20.31 -4.70
N ALA B 23 5.78 -21.04 -5.11
CA ALA B 23 6.77 -21.49 -4.15
C ALA B 23 7.52 -20.31 -3.56
N ILE B 24 8.00 -19.43 -4.46
CA ILE B 24 8.76 -18.24 -4.10
C ILE B 24 7.96 -17.27 -3.20
N ILE B 25 6.78 -16.84 -3.62
CA ILE B 25 6.01 -15.97 -2.76
C ILE B 25 5.74 -16.67 -1.39
N SER B 26 5.41 -17.95 -1.41
CA SER B 26 5.32 -18.68 -0.17
C SER B 26 6.58 -18.63 0.71
N LEU B 27 7.75 -18.86 0.12
CA LEU B 27 9.04 -18.79 0.79
C LEU B 27 9.26 -17.39 1.41
N ARG B 28 9.05 -16.34 0.62
CA ARG B 28 9.14 -14.95 1.03
C ARG B 28 8.24 -14.62 2.24
N GLU B 29 7.01 -15.13 2.20
CA GLU B 29 6.05 -14.96 3.30
C GLU B 29 6.50 -15.73 4.54
N GLU B 30 7.02 -16.95 4.37
CA GLU B 30 7.58 -17.68 5.52
C GLU B 30 8.70 -16.89 6.18
N LEU B 31 9.58 -16.31 5.36
CA LEU B 31 10.77 -15.55 5.81
C LEU B 31 10.36 -14.28 6.55
N GLU B 32 9.31 -13.63 6.05
CA GLU B 32 8.74 -12.44 6.67
C GLU B 32 8.22 -12.79 8.03
N ALA B 33 7.52 -13.89 8.12
CA ALA B 33 7.04 -14.39 9.42
C ALA B 33 8.20 -14.71 10.39
N VAL B 34 9.29 -15.36 9.94
CA VAL B 34 10.50 -15.47 10.78
C VAL B 34 10.92 -14.07 11.33
N ASP B 35 11.15 -13.14 10.42
CA ASP B 35 11.54 -11.78 10.78
C ASP B 35 10.59 -11.11 11.78
N LEU B 36 9.29 -11.14 11.49
CA LEU B 36 8.29 -10.53 12.35
C LEU B 36 8.22 -11.14 13.73
N TYR B 37 8.14 -12.47 13.82
CA TYR B 37 8.06 -13.19 15.12
C TYR B 37 9.29 -12.88 16.01
N ASN B 38 10.36 -12.69 15.32
CA ASN B 38 11.66 -12.51 15.87
C ASN B 38 11.77 -11.13 16.49
N GLN B 39 11.21 -10.13 15.82
CA GLN B 39 11.17 -8.80 16.37
C GLN B 39 10.21 -8.79 17.55
N ARG B 40 9.09 -9.51 17.42
CA ARG B 40 8.12 -9.53 18.49
C ARG B 40 8.69 -10.23 19.75
N VAL B 41 9.36 -11.40 19.57
CA VAL B 41 10.14 -12.06 20.65
C VAL B 41 11.05 -11.07 21.39
N ASN B 42 11.84 -10.31 20.63
CA ASN B 42 12.74 -9.29 21.17
C ASN B 42 11.98 -8.16 21.89
N ALA B 43 10.85 -7.76 21.37
CA ALA B 43 10.10 -6.68 22.03
C ALA B 43 9.09 -7.16 23.08
N CYS B 44 8.78 -8.45 23.10
CA CYS B 44 7.71 -8.98 23.97
C CYS B 44 8.00 -8.77 25.48
N LYS B 45 6.96 -8.66 26.31
CA LYS B 45 7.16 -8.66 27.75
C LYS B 45 6.69 -9.98 28.41
N ASP B 46 5.52 -10.45 28.02
CA ASP B 46 4.90 -11.61 28.57
C ASP B 46 5.67 -12.87 28.14
N LYS B 47 6.20 -13.62 29.12
CA LYS B 47 6.98 -14.88 28.88
C LYS B 47 6.26 -15.97 28.09
N GLU B 48 5.00 -16.24 28.40
CA GLU B 48 4.19 -17.22 27.64
C GLU B 48 4.03 -16.77 26.18
N LEU B 49 3.69 -15.49 25.95
CA LEU B 49 3.55 -15.06 24.59
C LEU B 49 4.90 -15.22 23.88
N LYS B 50 5.98 -14.83 24.56
CA LYS B 50 7.33 -14.88 23.96
C LYS B 50 7.71 -16.30 23.50
N ALA B 51 7.37 -17.30 24.29
CA ALA B 51 7.62 -18.69 23.94
C ALA B 51 6.82 -19.14 22.68
N ILE B 52 5.52 -18.84 22.66
CA ILE B 52 4.67 -19.10 21.50
C ILE B 52 5.23 -18.44 20.23
N LEU B 53 5.79 -17.25 20.36
CA LEU B 53 6.25 -16.53 19.21
C LEU B 53 7.54 -17.14 18.71
N ALA B 54 8.42 -17.52 19.63
CA ALA B 54 9.68 -18.17 19.27
C ALA B 54 9.43 -19.56 18.69
N HIS B 55 8.28 -20.13 19.04
CA HIS B 55 7.90 -21.49 18.64
C HIS B 55 7.41 -21.41 17.21
N ASN B 56 6.36 -20.60 17.02
CA ASN B 56 5.83 -20.29 15.68
C ASN B 56 6.96 -19.88 14.74
N ARG B 57 7.82 -18.98 15.23
CA ARG B 57 8.98 -18.54 14.46
C ARG B 57 9.80 -19.72 13.96
N ASP B 58 10.03 -20.70 14.81
CA ASP B 58 10.98 -21.76 14.47
C ASP B 58 10.35 -22.78 13.52
N GLU B 59 9.03 -22.96 13.58
CA GLU B 59 8.35 -23.78 12.59
C GLU B 59 8.38 -23.20 11.18
N GLU B 60 8.41 -21.86 11.07
CA GLU B 60 8.30 -21.24 9.75
C GLU B 60 9.61 -21.42 9.02
N LYS B 61 10.63 -21.68 9.82
CA LYS B 61 11.93 -22.10 9.33
C LYS B 61 11.88 -23.44 8.64
N GLU B 62 11.07 -24.37 9.14
CA GLU B 62 10.91 -25.67 8.51
C GLU B 62 10.16 -25.47 7.18
N HIS B 63 9.08 -24.67 7.23
CA HIS B 63 8.35 -24.29 6.03
C HIS B 63 9.21 -23.67 4.93
N ALA B 64 10.01 -22.67 5.31
CA ALA B 64 10.94 -22.06 4.39
C ALA B 64 11.92 -23.10 3.77
N ALA B 65 12.50 -23.97 4.60
CA ALA B 65 13.43 -24.98 4.06
C ALA B 65 12.76 -25.88 3.04
N LEU B 67 10.11 -25.38 1.06
CA LEU B 67 9.89 -24.60 -0.14
C LEU B 67 11.19 -24.38 -0.91
N LEU B 68 12.23 -24.04 -0.15
CA LEU B 68 13.58 -23.87 -0.71
C LEU B 68 14.01 -25.12 -1.46
N GLU B 69 13.75 -26.29 -0.87
CA GLU B 69 14.26 -27.50 -1.47
C GLU B 69 13.47 -27.81 -2.70
N TRP B 70 12.16 -27.57 -2.65
CA TRP B 70 11.34 -27.79 -3.83
C TRP B 70 11.82 -26.92 -5.00
N ILE B 71 12.16 -25.66 -4.70
CA ILE B 71 12.70 -24.70 -5.68
C ILE B 71 14.02 -25.24 -6.25
N ARG B 72 14.86 -25.78 -5.37
CA ARG B 72 16.17 -26.27 -5.73
C ARG B 72 16.07 -27.44 -6.72
N ARG B 73 15.09 -28.34 -6.54
CA ARG B 73 14.91 -29.45 -7.47
C ARG B 73 14.43 -29.04 -8.86
N CYS B 74 13.85 -27.86 -8.98
CA CYS B 74 13.27 -27.37 -10.24
C CYS B 74 14.13 -26.31 -10.93
N ASP B 75 15.24 -25.94 -10.31
CA ASP B 75 15.95 -24.73 -10.73
C ASP B 75 17.43 -25.03 -10.67
N PRO B 76 18.03 -25.34 -11.84
CA PRO B 76 19.45 -25.70 -11.89
C PRO B 76 20.33 -24.51 -11.49
N ALA B 77 19.98 -23.30 -11.93
CA ALA B 77 20.79 -22.12 -11.61
C ALA B 77 20.79 -21.81 -10.12
N PHE B 78 19.68 -22.10 -9.44
CA PHE B 78 19.65 -21.89 -8.00
C PHE B 78 20.44 -23.00 -7.31
N ASP B 79 20.29 -24.21 -7.83
CA ASP B 79 20.90 -25.39 -7.22
C ASP B 79 22.40 -25.21 -7.23
N LYS B 80 22.90 -24.59 -8.29
CA LYS B 80 24.31 -24.21 -8.37
C LYS B 80 24.69 -23.28 -7.21
N GLU B 81 23.89 -22.25 -6.98
CA GLU B 81 24.29 -21.25 -5.96
C GLU B 81 24.21 -21.83 -4.53
N LEU B 82 23.18 -22.60 -4.24
CA LEU B 82 23.06 -23.21 -2.93
C LEU B 82 24.20 -24.20 -2.65
N LYS B 83 24.62 -24.93 -3.69
CA LYS B 83 25.86 -25.70 -3.62
C LYS B 83 27.13 -24.89 -3.31
N ASP B 84 27.23 -23.68 -3.82
CA ASP B 84 28.43 -22.86 -3.65
C ASP B 84 28.52 -22.23 -2.25
N TYR B 85 27.39 -21.90 -1.63
CA TYR B 85 27.47 -21.23 -0.34
C TYR B 85 26.97 -22.04 0.86
N LEU B 86 25.92 -22.84 0.69
CA LEU B 86 25.31 -23.48 1.87
C LEU B 86 26.21 -24.53 2.52
N PHE B 87 26.18 -24.52 3.86
CA PHE B 87 26.86 -25.49 4.72
C PHE B 87 28.39 -25.49 4.68
N THR B 88 28.95 -24.29 4.53
CA THR B 88 30.39 -24.05 4.45
C THR B 88 30.86 -23.31 5.71
N ASN B 89 32.15 -22.97 5.81
CA ASN B 89 32.62 -22.18 6.96
C ASN B 89 33.52 -20.98 6.56
N LYS B 90 33.76 -20.90 5.26
CA LYS B 90 34.65 -19.94 4.60
C LYS B 90 34.01 -18.55 4.54
N PRO B 91 34.77 -17.50 4.14
CA PRO B 91 34.11 -16.17 4.06
C PRO B 91 33.10 -16.11 2.92
N ILE B 92 31.96 -15.46 3.16
CA ILE B 92 30.91 -15.39 2.15
C ILE B 92 31.20 -14.29 1.13
N ALA B 93 31.44 -13.08 1.63
CA ALA B 93 31.85 -11.86 0.90
C ALA B 93 31.98 -11.98 -0.61
N ASP C 4 2.48 -1.02 10.09
CA ASP C 4 2.92 -2.00 11.16
C ASP C 4 1.80 -2.48 12.11
N GLY C 5 0.60 -1.93 11.94
CA GLY C 5 -0.56 -2.28 12.79
C GLY C 5 -0.75 -1.40 14.03
N TYR C 6 0.24 -0.55 14.30
CA TYR C 6 0.05 0.43 15.40
C TYR C 6 -0.63 1.66 14.88
N PHE C 7 -1.79 1.97 15.45
CA PHE C 7 -2.54 3.18 15.03
C PHE C 7 -2.28 4.42 15.89
N GLU C 8 -1.78 4.13 17.08
CA GLU C 8 -1.46 5.10 18.11
C GLU C 8 0.03 4.96 18.42
N PRO C 9 0.72 6.08 18.71
CA PRO C 9 2.16 5.94 18.92
C PRO C 9 2.38 4.87 19.99
N THR C 10 3.37 3.95 19.79
CA THR C 10 3.67 2.87 20.79
C THR C 10 3.98 3.42 22.21
N GLN C 11 4.67 4.56 22.30
CA GLN C 11 4.99 5.16 23.63
C GLN C 11 3.67 5.49 24.44
N GLU C 12 2.53 5.56 23.76
CA GLU C 12 1.26 5.83 24.46
C GLU C 12 0.46 4.57 24.79
N LEU C 13 1.05 3.40 24.57
CA LEU C 13 0.35 2.16 24.81
C LEU C 13 1.10 1.43 25.90
N SER C 14 0.37 0.83 26.83
CA SER C 14 0.98 0.01 27.88
C SER C 14 1.61 -1.29 27.29
N ASP C 15 2.54 -1.89 28.02
CA ASP C 15 3.09 -3.22 27.67
C ASP C 15 2.04 -4.29 27.45
N GLU C 16 0.93 -4.20 28.18
CA GLU C 16 -0.13 -5.21 28.08
C GLU C 16 -1.02 -5.04 26.83
N THR C 17 -1.19 -3.80 26.37
CA THR C 17 -1.91 -3.50 25.16
C THR C 17 -1.01 -3.90 23.98
N ARG C 18 0.29 -3.68 24.11
CA ARG C 18 1.23 -4.08 23.04
C ARG C 18 1.46 -5.58 22.90
N ASP C 19 1.39 -6.30 23.99
CA ASP C 19 1.43 -7.75 23.91
C ASP C 19 0.16 -8.30 23.27
N HIS C 21 -1.69 -6.59 21.16
CA HIS C 21 -1.43 -6.27 19.78
C HIS C 21 -0.54 -7.32 19.08
N ARG C 22 0.57 -7.68 19.73
CA ARG C 22 1.50 -8.68 19.19
C ARG C 22 0.79 -10.01 18.94
N ALA C 23 -0.12 -10.38 19.84
CA ALA C 23 -0.88 -11.61 19.73
C ALA C 23 -1.85 -11.54 18.56
N ILE C 24 -2.69 -10.51 18.57
CA ILE C 24 -3.69 -10.35 17.57
C ILE C 24 -3.11 -10.28 16.15
N ILE C 25 -2.08 -9.46 15.94
CA ILE C 25 -1.56 -9.30 14.60
C ILE C 25 -0.86 -10.57 14.14
N SER C 26 -0.14 -11.25 15.03
CA SER C 26 0.42 -12.57 14.70
C SER C 26 -0.68 -13.55 14.27
N LEU C 27 -1.82 -13.46 14.94
CA LEU C 27 -2.94 -14.35 14.70
C LEU C 27 -3.56 -14.02 13.37
N ARG C 28 -3.69 -12.73 13.07
CA ARG C 28 -4.16 -12.33 11.74
C ARG C 28 -3.22 -12.82 10.62
N GLU C 29 -1.93 -12.81 10.88
CA GLU C 29 -0.98 -13.17 9.83
C GLU C 29 -1.01 -14.68 9.58
N GLU C 30 -1.21 -15.45 10.64
CA GLU C 30 -1.23 -16.88 10.51
C GLU C 30 -2.54 -17.29 9.78
N LEU C 31 -3.65 -16.63 10.10
CA LEU C 31 -4.90 -16.82 9.37
C LEU C 31 -4.80 -16.44 7.89
N GLU C 32 -4.14 -15.31 7.58
CA GLU C 32 -3.86 -14.93 6.18
C GLU C 32 -3.12 -16.06 5.49
N ALA C 33 -2.13 -16.61 6.19
CA ALA C 33 -1.32 -17.72 5.68
C ALA C 33 -2.19 -18.91 5.33
N VAL C 34 -3.08 -19.27 6.23
CA VAL C 34 -4.02 -20.34 5.94
C VAL C 34 -4.78 -20.06 4.64
N ASP C 35 -5.38 -18.88 4.55
CA ASP C 35 -6.16 -18.47 3.43
C ASP C 35 -5.33 -18.52 2.15
N LEU C 36 -4.12 -17.94 2.18
CA LEU C 36 -3.23 -17.88 0.98
C LEU C 36 -2.77 -19.28 0.53
N TYR C 37 -2.43 -20.10 1.49
CA TYR C 37 -2.10 -21.48 1.24
C TYR C 37 -3.33 -22.21 0.69
N ASN C 38 -4.51 -21.93 1.22
CA ASN C 38 -5.65 -22.58 0.65
C ASN C 38 -5.86 -22.29 -0.85
N GLN C 39 -5.64 -21.04 -1.24
CA GLN C 39 -5.89 -20.61 -2.61
C GLN C 39 -4.82 -21.22 -3.50
N ARG C 40 -3.56 -21.19 -3.05
CA ARG C 40 -2.44 -21.78 -3.82
C ARG C 40 -2.57 -23.30 -4.03
N VAL C 41 -3.11 -23.97 -3.02
CA VAL C 41 -3.35 -25.42 -3.07
C VAL C 41 -4.34 -25.69 -4.22
N ASN C 42 -5.50 -25.05 -4.15
CA ASN C 42 -6.51 -25.07 -5.19
C ASN C 42 -5.94 -24.77 -6.61
N ALA C 43 -5.02 -23.83 -6.72
CA ALA C 43 -4.60 -23.41 -8.05
C ALA C 43 -3.34 -24.12 -8.53
N CYS C 44 -2.61 -24.73 -7.59
CA CYS C 44 -1.29 -25.34 -7.85
C CYS C 44 -1.40 -26.39 -8.93
N LYS C 45 -0.30 -26.65 -9.65
CA LYS C 45 -0.26 -27.78 -10.58
C LYS C 45 0.63 -28.94 -10.07
N ASP C 46 1.88 -28.62 -9.71
CA ASP C 46 2.85 -29.61 -9.28
C ASP C 46 2.41 -30.25 -7.95
N LYS C 47 2.28 -31.57 -7.93
CA LYS C 47 1.71 -32.28 -6.76
C LYS C 47 2.64 -32.25 -5.53
N GLU C 48 3.94 -32.09 -5.77
CA GLU C 48 4.91 -32.05 -4.69
C GLU C 48 4.84 -30.72 -3.96
N LEU C 49 4.81 -29.63 -4.73
CA LEU C 49 4.62 -28.32 -4.16
C LEU C 49 3.33 -28.32 -3.36
N LYS C 50 2.26 -28.81 -3.97
CA LYS C 50 0.95 -28.84 -3.39
C LYS C 50 0.95 -29.42 -1.99
N ALA C 51 1.59 -30.58 -1.80
CA ALA C 51 1.72 -31.20 -0.50
C ALA C 51 2.51 -30.33 0.49
N ILE C 52 3.54 -29.63 0.02
CA ILE C 52 4.21 -28.65 0.88
C ILE C 52 3.22 -27.57 1.35
N LEU C 53 2.49 -26.99 0.41
CA LEU C 53 1.60 -25.85 0.71
C LEU C 53 0.58 -26.21 1.78
N ALA C 54 -0.07 -27.38 1.60
CA ALA C 54 -1.07 -27.92 2.53
C ALA C 54 -0.50 -28.33 3.88
N HIS C 55 0.71 -28.88 3.86
CA HIS C 55 1.50 -29.08 5.09
C HIS C 55 1.68 -27.78 5.87
N ASN C 56 2.26 -26.77 5.22
CA ASN C 56 2.48 -25.48 5.85
C ASN C 56 1.17 -24.88 6.35
N ARG C 57 0.19 -24.80 5.45
CA ARG C 57 -1.18 -24.42 5.74
C ARG C 57 -1.76 -25.01 7.01
N ASP C 58 -1.70 -26.34 7.14
CA ASP C 58 -2.28 -26.99 8.34
C ASP C 58 -1.46 -26.73 9.62
N GLU C 59 -0.14 -26.61 9.49
CA GLU C 59 0.68 -26.15 10.61
C GLU C 59 0.41 -24.70 11.07
N GLU C 60 0.11 -23.80 10.12
CA GLU C 60 -0.27 -22.42 10.45
C GLU C 60 -1.55 -22.43 11.30
N LYS C 61 -2.49 -23.31 11.00
CA LYS C 61 -3.65 -23.61 11.91
C LYS C 61 -3.33 -23.89 13.40
N GLU C 62 -2.24 -24.59 13.65
CA GLU C 62 -1.78 -24.79 15.03
C GLU C 62 -1.25 -23.47 15.63
N HIS C 63 -0.39 -22.78 14.88
CA HIS C 63 0.09 -21.47 15.29
C HIS C 63 -1.05 -20.59 15.71
N ALA C 64 -2.08 -20.55 14.88
CA ALA C 64 -3.26 -19.76 15.13
C ALA C 64 -3.96 -20.21 16.42
N ALA C 65 -4.27 -21.49 16.56
CA ALA C 65 -4.87 -22.06 17.80
C ALA C 65 -4.10 -21.61 19.05
N LEU C 67 -2.12 -18.94 19.51
CA LEU C 67 -2.15 -17.49 19.78
C LEU C 67 -3.46 -17.09 20.41
N LEU C 68 -4.48 -17.69 19.84
CA LEU C 68 -5.83 -17.46 20.25
C LEU C 68 -6.09 -18.09 21.65
N GLU C 69 -5.41 -19.19 21.94
CA GLU C 69 -5.51 -19.64 23.32
C GLU C 69 -4.85 -18.63 24.26
N TRP C 70 -3.76 -17.99 23.82
CA TRP C 70 -3.12 -17.00 24.66
C TRP C 70 -4.06 -15.81 24.91
N ILE C 71 -4.74 -15.34 23.86
CA ILE C 71 -5.65 -14.17 23.91
C ILE C 71 -6.82 -14.46 24.84
N ARG C 72 -7.31 -15.71 24.77
CA ARG C 72 -8.43 -16.17 25.58
C ARG C 72 -8.10 -16.04 27.05
N ARG C 73 -6.91 -16.46 27.40
CA ARG C 73 -6.46 -16.51 28.79
C ARG C 73 -6.37 -15.14 29.45
N CYS C 74 -6.29 -14.07 28.65
CA CYS C 74 -6.39 -12.74 29.26
C CYS C 74 -7.44 -11.78 28.69
N ASP C 75 -8.50 -12.29 28.09
CA ASP C 75 -9.53 -11.39 27.58
C ASP C 75 -10.86 -11.96 27.96
N PRO C 76 -11.37 -11.60 29.15
CA PRO C 76 -12.57 -12.32 29.64
C PRO C 76 -13.77 -12.16 28.71
N ALA C 77 -13.88 -11.02 28.04
CA ALA C 77 -14.94 -10.85 27.07
C ALA C 77 -14.67 -11.73 25.86
N PHE C 78 -13.41 -12.07 25.59
CA PHE C 78 -13.16 -13.01 24.51
C PHE C 78 -13.32 -14.47 24.92
N ASP C 79 -12.81 -14.81 26.11
CA ASP C 79 -13.07 -16.08 26.76
C ASP C 79 -14.50 -16.02 27.21
N LYS C 80 -15.40 -15.85 26.27
CA LYS C 80 -16.81 -15.76 26.61
C LYS C 80 -17.56 -16.05 25.35
N GLU C 81 -17.30 -15.23 24.33
CA GLU C 81 -17.82 -15.48 22.99
C GLU C 81 -17.32 -16.84 22.53
N LEU C 82 -16.11 -17.18 22.94
CA LEU C 82 -15.55 -18.49 22.60
C LEU C 82 -16.14 -19.67 23.41
N LYS C 83 -16.40 -19.48 24.69
CA LYS C 83 -17.15 -20.48 25.45
C LYS C 83 -18.51 -20.63 24.79
N ASP C 84 -19.13 -19.48 24.51
CA ASP C 84 -20.41 -19.37 23.81
C ASP C 84 -20.52 -20.17 22.51
N TYR C 85 -19.69 -19.84 21.49
CA TYR C 85 -19.96 -20.33 20.13
C TYR C 85 -19.25 -21.58 19.73
N LEU C 86 -18.17 -21.84 20.41
CA LEU C 86 -17.22 -22.80 19.93
C LEU C 86 -17.50 -24.24 20.36
N PHE C 87 -17.28 -25.19 19.46
CA PHE C 87 -17.62 -26.60 19.62
C PHE C 87 -19.13 -26.83 19.90
N THR C 88 -19.99 -26.21 19.09
CA THR C 88 -21.45 -26.29 19.20
C THR C 88 -22.12 -26.79 17.90
N ASN C 89 -23.43 -27.01 17.93
CA ASN C 89 -24.18 -27.44 16.75
C ASN C 89 -25.42 -26.62 16.42
N LYS C 90 -25.65 -25.57 17.22
CA LYS C 90 -26.72 -24.58 16.98
C LYS C 90 -26.47 -23.77 15.70
N PRO C 91 -27.55 -23.34 15.00
CA PRO C 91 -27.44 -22.31 13.96
C PRO C 91 -26.77 -21.04 14.51
N ILE C 92 -25.62 -20.71 13.94
CA ILE C 92 -24.70 -19.69 14.43
C ILE C 92 -25.33 -18.30 14.53
N ALA C 93 -25.99 -17.87 13.45
CA ALA C 93 -26.66 -16.58 13.38
C ALA C 93 -28.16 -16.78 13.26
N HIS C 94 -28.73 -16.31 12.15
CA HIS C 94 -30.13 -16.59 11.78
C HIS C 94 -30.35 -16.59 10.25
N ASP D 4 -7.65 -7.29 -2.55
CA ASP D 4 -7.23 -7.73 -1.19
C ASP D 4 -7.84 -9.08 -0.83
N GLY D 5 -6.97 -9.98 -0.40
CA GLY D 5 -7.40 -11.32 -0.08
C GLY D 5 -7.12 -12.32 -1.17
N TYR D 6 -7.35 -11.95 -2.44
CA TYR D 6 -7.22 -12.91 -3.55
C TYR D 6 -5.87 -12.85 -4.22
N PHE D 7 -5.07 -13.89 -4.04
CA PHE D 7 -3.72 -13.94 -4.66
C PHE D 7 -3.70 -14.84 -5.89
N GLU D 8 -4.79 -15.55 -6.10
CA GLU D 8 -4.97 -16.29 -7.36
C GLU D 8 -6.26 -15.79 -8.04
N PRO D 9 -6.31 -15.88 -9.38
CA PRO D 9 -7.52 -15.41 -10.02
C PRO D 9 -8.75 -16.17 -9.45
N THR D 10 -9.83 -15.41 -9.19
CA THR D 10 -11.06 -15.95 -8.58
C THR D 10 -11.68 -17.03 -9.46
N GLN D 11 -11.60 -16.81 -10.78
CA GLN D 11 -12.09 -17.79 -11.74
C GLN D 11 -11.36 -19.14 -11.59
N GLU D 12 -10.25 -19.14 -10.86
CA GLU D 12 -9.46 -20.38 -10.74
C GLU D 12 -9.76 -21.12 -9.44
N LEU D 13 -10.53 -20.47 -8.56
CA LEU D 13 -10.87 -21.00 -7.22
C LEU D 13 -12.32 -21.41 -7.18
N SER D 14 -12.59 -22.51 -6.47
CA SER D 14 -13.93 -23.04 -6.27
C SER D 14 -14.79 -22.11 -5.36
N ASP D 15 -16.11 -22.21 -5.51
CA ASP D 15 -17.03 -21.56 -4.57
C ASP D 15 -16.69 -21.85 -3.11
N GLU D 16 -16.21 -23.07 -2.83
CA GLU D 16 -15.89 -23.51 -1.46
C GLU D 16 -14.66 -22.75 -0.92
N THR D 17 -13.62 -22.73 -1.72
CA THR D 17 -12.42 -22.06 -1.36
C THR D 17 -12.72 -20.58 -1.13
N ARG D 18 -13.65 -20.04 -1.94
CA ARG D 18 -13.97 -18.63 -1.90
C ARG D 18 -14.89 -18.24 -0.73
N ASP D 19 -15.79 -19.16 -0.35
CA ASP D 19 -16.46 -18.98 0.91
C ASP D 19 -15.51 -19.01 2.11
N HIS D 21 -12.38 -18.27 2.06
CA HIS D 21 -11.71 -16.97 1.98
C HIS D 21 -12.58 -15.80 2.61
N ARG D 22 -13.85 -15.76 2.24
CA ARG D 22 -14.78 -14.81 2.83
C ARG D 22 -14.82 -14.91 4.36
N ALA D 23 -14.78 -16.13 4.89
CA ALA D 23 -14.79 -16.34 6.33
C ALA D 23 -13.49 -15.89 7.02
N ILE D 24 -12.36 -16.31 6.46
CA ILE D 24 -11.08 -15.95 7.02
C ILE D 24 -10.81 -14.43 6.96
N ILE D 25 -11.08 -13.80 5.83
CA ILE D 25 -10.76 -12.37 5.71
C ILE D 25 -11.71 -11.54 6.64
N SER D 26 -12.98 -11.94 6.68
CA SER D 26 -13.89 -11.38 7.68
C SER D 26 -13.40 -11.52 9.09
N LEU D 27 -12.98 -12.72 9.46
CA LEU D 27 -12.40 -12.96 10.80
C LEU D 27 -11.16 -12.07 11.04
N ARG D 28 -10.29 -11.95 10.04
CA ARG D 28 -9.14 -11.08 10.18
C ARG D 28 -9.49 -9.60 10.41
N GLU D 29 -10.46 -9.11 9.67
CA GLU D 29 -10.93 -7.73 9.78
C GLU D 29 -11.55 -7.44 11.17
N GLU D 30 -12.32 -8.41 11.67
CA GLU D 30 -12.95 -8.28 12.95
C GLU D 30 -11.91 -8.29 14.08
N LEU D 31 -10.87 -9.15 13.99
CA LEU D 31 -9.71 -9.15 14.89
C LEU D 31 -8.88 -7.85 14.81
N GLU D 32 -8.69 -7.34 13.59
CA GLU D 32 -8.07 -6.03 13.41
C GLU D 32 -8.91 -4.94 14.10
N ALA D 33 -10.22 -4.93 13.90
CA ALA D 33 -11.12 -4.02 14.64
C ALA D 33 -10.89 -4.12 16.17
N VAL D 34 -10.76 -5.33 16.70
CA VAL D 34 -10.50 -5.45 18.12
C VAL D 34 -9.21 -4.80 18.60
N ASP D 35 -8.11 -5.08 17.90
CA ASP D 35 -6.79 -4.48 18.17
C ASP D 35 -6.82 -2.93 18.05
N LEU D 36 -7.39 -2.41 16.98
CA LEU D 36 -7.47 -0.96 16.76
C LEU D 36 -8.34 -0.26 17.88
N TYR D 37 -9.51 -0.79 18.16
CA TYR D 37 -10.33 -0.26 19.24
C TYR D 37 -9.61 -0.31 20.58
N ASN D 38 -8.88 -1.39 20.82
CA ASN D 38 -8.11 -1.59 22.02
C ASN D 38 -7.03 -0.53 22.15
N GLN D 39 -6.34 -0.24 21.06
CA GLN D 39 -5.31 0.76 21.10
C GLN D 39 -5.96 2.11 21.32
N ARG D 40 -7.11 2.35 20.65
CA ARG D 40 -7.83 3.62 20.82
C ARG D 40 -8.33 3.78 22.22
N VAL D 41 -8.95 2.74 22.79
CA VAL D 41 -9.36 2.77 24.17
C VAL D 41 -8.20 3.19 25.09
N ASN D 42 -7.00 2.61 24.89
CA ASN D 42 -5.83 2.93 25.70
C ASN D 42 -5.40 4.42 25.57
N ALA D 43 -5.53 4.96 24.35
CA ALA D 43 -5.02 6.35 24.04
C ALA D 43 -6.08 7.43 24.16
N CYS D 44 -7.36 7.06 24.17
CA CYS D 44 -8.51 8.00 24.20
C CYS D 44 -8.52 8.94 25.41
N LYS D 45 -8.75 10.23 25.17
CA LYS D 45 -8.97 11.21 26.28
C LYS D 45 -10.38 11.86 26.25
N ASP D 46 -11.41 11.03 26.28
CA ASP D 46 -12.83 11.44 26.45
C ASP D 46 -13.63 10.17 26.82
N LYS D 47 -14.21 10.17 28.00
CA LYS D 47 -15.01 9.05 28.52
C LYS D 47 -16.19 8.55 27.66
N GLU D 48 -16.95 9.45 27.06
CA GLU D 48 -18.05 9.04 26.19
C GLU D 48 -17.50 8.26 24.99
N LEU D 49 -16.67 8.90 24.18
CA LEU D 49 -16.04 8.21 23.08
C LEU D 49 -15.46 6.91 23.57
N LYS D 50 -14.68 6.95 24.65
CA LYS D 50 -14.09 5.73 25.16
C LYS D 50 -15.10 4.60 25.27
N ALA D 51 -16.28 4.92 25.84
CA ALA D 51 -17.34 3.91 25.99
C ALA D 51 -17.83 3.32 24.68
N ILE D 52 -17.96 4.11 23.60
CA ILE D 52 -18.43 3.59 22.28
C ILE D 52 -17.34 2.75 21.64
N LEU D 53 -16.11 3.22 21.76
CA LEU D 53 -14.96 2.47 21.33
C LEU D 53 -14.96 1.10 21.92
N ALA D 54 -15.01 1.03 23.24
CA ALA D 54 -14.97 -0.20 24.04
C ALA D 54 -16.13 -1.16 23.79
N HIS D 55 -17.32 -0.58 23.58
CA HIS D 55 -18.54 -1.28 23.18
C HIS D 55 -18.38 -1.92 21.81
N ASN D 56 -18.06 -1.11 20.79
CA ASN D 56 -17.88 -1.61 19.43
C ASN D 56 -16.89 -2.74 19.42
N ARG D 57 -15.86 -2.58 20.24
CA ARG D 57 -14.77 -3.53 20.32
C ARG D 57 -15.14 -4.88 20.93
N ASP D 58 -16.10 -4.88 21.85
CA ASP D 58 -16.52 -6.15 22.48
C ASP D 58 -17.55 -6.97 21.67
N GLU D 59 -18.42 -6.27 20.94
CA GLU D 59 -19.23 -6.88 19.90
C GLU D 59 -18.41 -7.46 18.73
N GLU D 60 -17.30 -6.80 18.34
CA GLU D 60 -16.49 -7.37 17.25
C GLU D 60 -15.89 -8.75 17.67
N LYS D 61 -15.59 -8.94 18.95
CA LYS D 61 -15.19 -10.26 19.51
C LYS D 61 -16.19 -11.40 19.23
N GLU D 62 -17.49 -11.03 19.14
CA GLU D 62 -18.57 -11.97 18.90
C GLU D 62 -18.69 -12.33 17.42
N HIS D 63 -18.55 -11.31 16.59
CA HIS D 63 -18.49 -11.48 15.19
C HIS D 63 -17.39 -12.47 14.92
N ALA D 64 -16.22 -12.19 15.50
CA ALA D 64 -15.03 -13.00 15.34
C ALA D 64 -15.38 -14.41 15.69
N ALA D 65 -15.94 -14.59 16.90
CA ALA D 65 -16.28 -15.93 17.42
C ALA D 65 -17.24 -16.71 16.53
N LEU D 67 -17.60 -16.33 13.26
CA LEU D 67 -16.84 -16.63 12.06
C LEU D 67 -15.94 -17.84 12.21
N LEU D 68 -15.30 -17.94 13.35
CA LEU D 68 -14.37 -19.01 13.64
C LEU D 68 -15.11 -20.31 13.82
N GLU D 69 -16.25 -20.27 14.51
CA GLU D 69 -17.01 -21.47 14.67
C GLU D 69 -17.31 -22.02 13.32
N TRP D 70 -17.77 -21.16 12.40
CA TRP D 70 -18.14 -21.58 11.05
C TRP D 70 -16.92 -22.26 10.39
N ILE D 71 -15.71 -21.77 10.67
CA ILE D 71 -14.49 -22.34 10.09
C ILE D 71 -14.20 -23.69 10.70
N ARG D 72 -14.41 -23.81 12.01
CA ARG D 72 -14.04 -25.02 12.73
C ARG D 72 -14.83 -26.15 12.13
N ARG D 73 -16.08 -25.86 11.78
CA ARG D 73 -16.98 -26.90 11.30
C ARG D 73 -16.58 -27.52 9.99
N CYS D 74 -16.01 -26.71 9.11
CA CYS D 74 -15.65 -27.06 7.73
C CYS D 74 -14.18 -27.47 7.56
N ASP D 75 -13.42 -27.53 8.66
CA ASP D 75 -11.96 -27.64 8.58
C ASP D 75 -11.55 -28.55 9.71
N PRO D 76 -11.48 -29.86 9.45
CA PRO D 76 -11.17 -30.82 10.51
C PRO D 76 -9.74 -30.65 11.01
N ALA D 77 -8.90 -30.05 10.17
CA ALA D 77 -7.55 -29.73 10.58
C ALA D 77 -7.56 -28.64 11.65
N PHE D 78 -8.48 -27.67 11.52
CA PHE D 78 -8.48 -26.47 12.38
C PHE D 78 -9.14 -26.92 13.67
N ASP D 79 -10.15 -27.76 13.53
CA ASP D 79 -10.87 -28.32 14.69
C ASP D 79 -9.92 -29.08 15.63
N LYS D 80 -9.15 -30.03 15.07
CA LYS D 80 -8.06 -30.70 15.78
C LYS D 80 -7.13 -29.78 16.63
N GLU D 81 -6.63 -28.71 16.02
CA GLU D 81 -5.69 -27.79 16.69
C GLU D 81 -6.34 -26.98 17.80
N LEU D 82 -7.59 -26.60 17.55
CA LEU D 82 -8.35 -25.84 18.55
C LEU D 82 -8.63 -26.70 19.81
N LYS D 83 -8.81 -28.00 19.61
CA LYS D 83 -9.16 -28.88 20.72
C LYS D 83 -7.89 -29.17 21.55
N ASP D 84 -6.73 -29.23 20.90
CA ASP D 84 -5.48 -29.52 21.65
C ASP D 84 -5.16 -28.38 22.62
N TYR D 85 -5.31 -27.14 22.16
CA TYR D 85 -4.88 -25.98 22.97
C TYR D 85 -5.96 -25.18 23.72
N LEU D 86 -7.18 -25.06 23.18
CA LEU D 86 -8.19 -24.24 23.85
C LEU D 86 -8.63 -24.76 25.20
N PHE D 87 -8.84 -23.83 26.13
CA PHE D 87 -9.29 -24.18 27.48
C PHE D 87 -8.36 -25.21 28.05
N THR D 88 -7.07 -24.90 28.10
CA THR D 88 -6.13 -25.75 28.82
C THR D 88 -5.52 -24.95 29.96
N ASN D 89 -4.59 -25.54 30.72
CA ASN D 89 -3.84 -24.75 31.70
C ASN D 89 -2.33 -24.81 31.56
N LYS D 90 -1.83 -25.80 30.82
CA LYS D 90 -0.40 -25.97 30.65
C LYS D 90 0.10 -24.87 29.75
N PRO D 91 1.40 -24.55 29.87
CA PRO D 91 2.18 -23.74 28.95
C PRO D 91 1.75 -24.01 27.53
N ILE D 92 1.45 -22.96 26.76
CA ILE D 92 1.12 -23.12 25.35
C ILE D 92 2.36 -23.59 24.63
N ALA D 93 3.54 -23.17 25.10
CA ALA D 93 4.79 -23.57 24.46
C ALA D 93 6.04 -23.49 25.36
N HIS D 94 7.10 -24.12 24.88
CA HIS D 94 8.47 -23.58 25.00
C HIS D 94 9.43 -24.17 23.95
N GLU D 95 8.88 -24.65 22.83
CA GLU D 95 9.70 -25.16 21.74
C GLU D 95 9.59 -24.25 20.50
N ASP E 4 -2.32 4.65 9.07
CA ASP E 4 -2.91 4.90 10.44
C ASP E 4 -3.84 6.11 10.44
N GLY E 5 -3.76 6.91 9.38
CA GLY E 5 -4.64 8.04 9.19
C GLY E 5 -4.24 9.32 9.91
N TYR E 6 -3.01 9.34 10.45
CA TYR E 6 -2.44 10.56 11.02
C TYR E 6 -1.55 11.18 9.95
N PHE E 7 -1.93 12.36 9.49
CA PHE E 7 -1.20 12.97 8.40
C PHE E 7 -0.23 14.03 8.88
N GLU E 8 -0.45 14.48 10.10
CA GLU E 8 0.50 15.35 10.84
C GLU E 8 1.03 14.60 12.07
N PRO E 9 2.28 14.92 12.52
CA PRO E 9 2.77 14.25 13.72
C PRO E 9 1.79 14.42 14.88
N THR E 10 1.47 13.31 15.56
CA THR E 10 0.55 13.29 16.72
C THR E 10 0.94 14.33 17.80
N GLN E 11 2.24 14.55 17.97
CA GLN E 11 2.76 15.52 18.97
C GLN E 11 2.30 16.95 18.67
N GLU E 12 1.87 17.21 17.43
CA GLU E 12 1.43 18.56 17.02
C GLU E 12 -0.09 18.71 17.04
N LEU E 13 -0.80 17.61 17.29
CA LEU E 13 -2.23 17.65 17.42
C LEU E 13 -2.63 17.71 18.88
N SER E 14 -3.67 18.48 19.18
CA SER E 14 -4.22 18.54 20.52
C SER E 14 -4.98 17.24 20.77
N ASP E 15 -5.23 16.92 22.05
CA ASP E 15 -6.02 15.75 22.42
C ASP E 15 -7.41 15.64 21.76
N GLU E 16 -8.18 16.73 21.74
CA GLU E 16 -9.58 16.62 21.26
C GLU E 16 -9.72 16.48 19.73
N THR E 17 -8.73 16.99 19.01
CA THR E 17 -8.52 16.68 17.64
C THR E 17 -8.20 15.18 17.47
N ARG E 18 -7.43 14.61 18.40
CA ARG E 18 -7.04 13.22 18.29
C ARG E 18 -8.21 12.32 18.55
N ASP E 19 -9.10 12.75 19.46
CA ASP E 19 -10.37 12.10 19.77
C ASP E 19 -11.37 12.19 18.60
N HIS E 21 -10.34 12.57 15.54
CA HIS E 21 -9.71 11.62 14.62
C HIS E 21 -10.10 10.16 14.95
N ARG E 22 -10.01 9.79 16.22
CA ARG E 22 -10.43 8.44 16.63
C ARG E 22 -11.86 8.12 16.21
N ALA E 23 -12.78 9.08 16.40
CA ALA E 23 -14.16 8.92 16.01
C ALA E 23 -14.30 8.75 14.51
N ILE E 24 -13.65 9.61 13.74
CA ILE E 24 -13.87 9.63 12.31
C ILE E 24 -13.34 8.34 11.71
N ILE E 25 -12.10 8.00 12.05
CA ILE E 25 -11.49 6.81 11.48
C ILE E 25 -12.24 5.54 11.87
N SER E 26 -12.69 5.43 13.13
CA SER E 26 -13.46 4.28 13.54
C SER E 26 -14.78 4.19 12.76
N LEU E 27 -15.42 5.34 12.49
CA LEU E 27 -16.64 5.43 11.70
C LEU E 27 -16.36 4.95 10.28
N ARG E 28 -15.24 5.37 9.71
CA ARG E 28 -14.88 4.95 8.37
C ARG E 28 -14.65 3.45 8.33
N GLU E 29 -14.09 2.89 9.40
CA GLU E 29 -13.86 1.44 9.45
C GLU E 29 -15.18 0.70 9.53
N GLU E 30 -16.09 1.20 10.38
CA GLU E 30 -17.37 0.56 10.49
C GLU E 30 -18.10 0.65 9.14
N LEU E 31 -18.03 1.78 8.44
CA LEU E 31 -18.66 1.92 7.15
C LEU E 31 -18.10 0.97 6.07
N GLU E 32 -16.78 0.84 6.02
CA GLU E 32 -16.09 -0.19 5.23
C GLU E 32 -16.55 -1.61 5.50
N ALA E 33 -16.66 -1.96 6.79
CA ALA E 33 -17.12 -3.28 7.14
C ALA E 33 -18.52 -3.52 6.63
N VAL E 34 -19.38 -2.48 6.65
CA VAL E 34 -20.70 -2.57 6.04
C VAL E 34 -20.58 -2.85 4.54
N ASP E 35 -19.75 -2.08 3.86
CA ASP E 35 -19.59 -2.21 2.43
C ASP E 35 -19.09 -3.63 2.08
N LEU E 36 -18.09 -4.09 2.82
CA LEU E 36 -17.41 -5.36 2.51
C LEU E 36 -18.37 -6.51 2.80
N TYR E 37 -18.98 -6.47 3.97
CA TYR E 37 -19.95 -7.51 4.32
C TYR E 37 -21.11 -7.55 3.31
N ASN E 38 -21.55 -6.39 2.81
CA ASN E 38 -22.54 -6.34 1.75
C ASN E 38 -22.07 -7.06 0.46
N GLN E 39 -20.90 -6.68 -0.03
CA GLN E 39 -20.31 -7.32 -1.20
C GLN E 39 -20.24 -8.81 -0.96
N ARG E 40 -19.85 -9.21 0.27
CA ARG E 40 -19.66 -10.61 0.57
C ARG E 40 -20.91 -11.43 0.60
N VAL E 41 -21.96 -10.89 1.25
CA VAL E 41 -23.33 -11.43 1.23
C VAL E 41 -23.78 -11.65 -0.23
N ASN E 42 -23.60 -10.65 -1.10
CA ASN E 42 -23.95 -10.73 -2.54
C ASN E 42 -23.23 -11.84 -3.32
N ALA E 43 -22.02 -12.20 -2.90
CA ALA E 43 -21.18 -13.16 -3.61
C ALA E 43 -21.19 -14.53 -2.96
N CYS E 44 -21.62 -14.57 -1.70
CA CYS E 44 -21.44 -15.75 -0.84
C CYS E 44 -22.16 -16.91 -1.43
N LYS E 45 -21.65 -18.13 -1.22
CA LYS E 45 -22.44 -19.32 -1.56
C LYS E 45 -23.07 -20.04 -0.33
N ASP E 46 -22.38 -20.12 0.81
CA ASP E 46 -22.91 -20.99 1.89
C ASP E 46 -23.93 -20.24 2.75
N LYS E 47 -25.09 -20.85 2.99
CA LYS E 47 -26.23 -20.16 3.66
C LYS E 47 -25.93 -19.72 5.09
N GLU E 48 -25.24 -20.57 5.84
CA GLU E 48 -24.93 -20.32 7.25
C GLU E 48 -23.95 -19.17 7.30
N LEU E 49 -22.87 -19.25 6.54
CA LEU E 49 -21.92 -18.17 6.45
C LEU E 49 -22.61 -16.91 6.02
N LYS E 50 -23.44 -16.99 4.98
CA LYS E 50 -24.18 -15.81 4.55
C LYS E 50 -24.81 -15.12 5.76
N ALA E 51 -25.56 -15.86 6.58
CA ALA E 51 -26.30 -15.27 7.69
C ALA E 51 -25.35 -14.62 8.68
N ILE E 52 -24.24 -15.30 9.00
CA ILE E 52 -23.18 -14.67 9.80
C ILE E 52 -22.73 -13.33 9.21
N LEU E 53 -22.40 -13.29 7.91
CA LEU E 53 -21.95 -12.02 7.28
C LEU E 53 -23.01 -10.92 7.41
N ALA E 54 -24.24 -11.22 7.03
CA ALA E 54 -25.37 -10.27 7.20
C ALA E 54 -25.66 -9.85 8.65
N HIS E 55 -25.57 -10.78 9.59
CA HIS E 55 -25.55 -10.39 11.00
C HIS E 55 -24.55 -9.26 11.37
N ASN E 56 -23.24 -9.56 11.24
CA ASN E 56 -22.16 -8.63 11.52
C ASN E 56 -22.35 -7.30 10.82
N ARG E 57 -22.64 -7.34 9.52
CA ARG E 57 -22.97 -6.16 8.72
C ARG E 57 -23.98 -5.25 9.41
N ASP E 58 -25.06 -5.81 9.90
CA ASP E 58 -26.12 -4.96 10.49
C ASP E 58 -25.73 -4.30 11.82
N GLU E 59 -25.00 -5.05 12.64
CA GLU E 59 -24.49 -4.58 13.92
C GLU E 59 -23.46 -3.48 13.71
N GLU E 60 -22.60 -3.61 12.68
CA GLU E 60 -21.66 -2.52 12.38
C GLU E 60 -22.44 -1.23 12.00
N LYS E 61 -23.59 -1.37 11.37
CA LYS E 61 -24.45 -0.17 11.12
C LYS E 61 -24.79 0.56 12.42
N GLU E 62 -24.95 -0.22 13.48
CA GLU E 62 -25.17 0.39 14.78
C GLU E 62 -23.92 1.08 15.23
N HIS E 63 -22.80 0.38 15.11
CA HIS E 63 -21.56 0.90 15.59
C HIS E 63 -21.35 2.25 14.90
N ALA E 64 -21.64 2.31 13.61
CA ALA E 64 -21.52 3.58 12.88
C ALA E 64 -22.46 4.67 13.37
N ALA E 65 -23.69 4.31 13.72
CA ALA E 65 -24.65 5.33 14.18
C ALA E 65 -24.24 5.98 15.50
N LEU E 67 -21.06 6.34 16.85
CA LEU E 67 -19.93 7.21 16.51
C LEU E 67 -20.34 8.51 15.84
N LEU E 68 -21.28 8.43 14.93
CA LEU E 68 -21.66 9.58 14.21
C LEU E 68 -22.50 10.53 15.09
N GLU E 69 -23.29 9.96 16.01
CA GLU E 69 -23.98 10.83 16.97
C GLU E 69 -22.93 11.58 17.77
N TRP E 70 -21.86 10.88 18.10
CA TRP E 70 -20.85 11.47 18.95
C TRP E 70 -20.21 12.66 18.23
N ILE E 71 -19.83 12.48 16.96
CA ILE E 71 -19.27 13.56 16.12
C ILE E 71 -20.21 14.77 15.97
N ARG E 72 -21.48 14.51 15.69
CA ARG E 72 -22.38 15.64 15.49
C ARG E 72 -22.55 16.53 16.74
N ARG E 73 -22.44 15.93 17.94
CA ARG E 73 -22.70 16.60 19.22
C ARG E 73 -21.54 17.48 19.63
N CYS E 74 -20.44 17.42 18.87
CA CYS E 74 -19.31 18.29 19.15
C CYS E 74 -18.70 18.86 17.87
N ASP E 75 -19.51 18.99 16.82
CA ASP E 75 -19.11 19.61 15.56
C ASP E 75 -20.39 20.32 15.05
N PRO E 76 -20.68 21.54 15.55
CA PRO E 76 -21.91 22.23 15.14
C PRO E 76 -22.06 22.33 13.62
N ALA E 77 -20.94 22.31 12.90
CA ALA E 77 -20.94 22.41 11.43
C ALA E 77 -21.39 21.11 10.79
N PHE E 78 -21.10 20.00 11.46
CA PHE E 78 -21.57 18.71 11.01
C PHE E 78 -23.04 18.61 11.33
N ASP E 79 -23.45 19.28 12.41
CA ASP E 79 -24.86 19.31 12.76
C ASP E 79 -25.70 20.06 11.74
N LYS E 80 -25.45 21.35 11.60
CA LYS E 80 -26.18 22.17 10.62
C LYS E 80 -26.48 21.38 9.33
N GLU E 81 -25.46 20.65 8.83
CA GLU E 81 -25.57 19.88 7.60
C GLU E 81 -26.35 18.59 7.81
N LEU E 82 -26.23 17.99 8.99
CA LEU E 82 -27.00 16.79 9.29
C LEU E 82 -28.48 17.09 9.41
N LYS E 83 -28.81 18.15 10.13
CA LYS E 83 -30.20 18.51 10.34
C LYS E 83 -30.90 18.76 9.03
N ASP E 84 -30.22 19.34 8.05
CA ASP E 84 -30.82 19.73 6.77
C ASP E 84 -31.12 18.55 5.88
N TYR E 85 -30.25 17.54 5.91
CA TYR E 85 -30.39 16.48 4.95
C TYR E 85 -30.99 15.19 5.49
N LEU E 86 -30.74 14.85 6.75
CA LEU E 86 -31.24 13.58 7.26
C LEU E 86 -32.73 13.58 7.36
N PHE E 87 -33.33 12.42 7.09
CA PHE E 87 -34.82 12.26 7.20
C PHE E 87 -35.55 13.37 6.46
N THR E 88 -35.47 13.36 5.13
CA THR E 88 -36.06 14.43 4.32
C THR E 88 -36.68 13.85 3.05
N ASN E 89 -37.58 14.61 2.42
CA ASN E 89 -38.19 14.18 1.17
C ASN E 89 -37.46 14.75 -0.06
N LYS E 90 -36.98 15.98 0.07
CA LYS E 90 -36.38 16.75 -1.02
C LYS E 90 -35.24 16.04 -1.74
N PRO E 91 -35.20 16.14 -3.09
CA PRO E 91 -34.09 15.56 -3.83
C PRO E 91 -32.77 16.19 -3.38
N ILE E 92 -31.95 15.35 -2.74
CA ILE E 92 -30.70 15.71 -2.09
C ILE E 92 -29.84 16.60 -2.96
N ALA E 93 -29.84 16.36 -4.28
CA ALA E 93 -29.14 17.21 -5.26
C ALA E 93 -29.94 17.46 -6.54
N HIS E 94 -29.45 18.40 -7.36
CA HIS E 94 -30.05 18.76 -8.67
C HIS E 94 -29.12 19.67 -9.48
N ASP F 4 -10.57 0.52 -6.31
CA ASP F 4 -10.38 0.21 -4.87
C ASP F 4 -11.75 0.03 -4.22
N GLY F 5 -11.75 -0.60 -3.04
CA GLY F 5 -12.98 -0.80 -2.29
C GLY F 5 -13.77 -2.04 -2.70
N TYR F 6 -13.47 -2.58 -3.88
CA TYR F 6 -14.13 -3.81 -4.37
C TYR F 6 -13.41 -5.07 -3.96
N PHE F 7 -14.03 -5.87 -3.11
CA PHE F 7 -13.31 -7.04 -2.59
C PHE F 7 -13.74 -8.29 -3.29
N GLU F 8 -14.81 -8.16 -4.08
CA GLU F 8 -15.29 -9.24 -4.96
C GLU F 8 -15.38 -8.69 -6.39
N PRO F 9 -15.15 -9.57 -7.39
CA PRO F 9 -15.23 -9.11 -8.79
C PRO F 9 -16.54 -8.33 -9.01
N THR F 10 -16.43 -7.15 -9.65
CA THR F 10 -17.56 -6.25 -9.97
C THR F 10 -18.66 -6.97 -10.75
N GLN F 11 -18.28 -7.91 -11.63
CA GLN F 11 -19.29 -8.63 -12.42
C GLN F 11 -20.06 -9.68 -11.58
N GLU F 12 -19.66 -9.84 -10.30
CA GLU F 12 -20.44 -10.69 -9.39
C GLU F 12 -21.42 -9.90 -8.50
N LEU F 13 -21.42 -8.58 -8.68
CA LEU F 13 -22.21 -7.68 -7.83
C LEU F 13 -23.32 -7.04 -8.62
N SER F 14 -24.51 -6.92 -8.03
CA SER F 14 -25.61 -6.26 -8.69
C SER F 14 -25.38 -4.74 -8.77
N ASP F 15 -26.04 -4.10 -9.72
CA ASP F 15 -25.98 -2.65 -9.85
C ASP F 15 -26.31 -1.99 -8.51
N GLU F 16 -27.24 -2.59 -7.76
CA GLU F 16 -27.64 -2.01 -6.47
C GLU F 16 -26.51 -2.00 -5.43
N THR F 17 -25.90 -3.17 -5.26
CA THR F 17 -24.80 -3.33 -4.35
C THR F 17 -23.74 -2.36 -4.81
N ARG F 18 -23.54 -2.23 -6.11
CA ARG F 18 -22.47 -1.36 -6.62
C ARG F 18 -22.76 0.11 -6.37
N ASP F 19 -24.04 0.50 -6.40
CA ASP F 19 -24.41 1.90 -6.06
C ASP F 19 -24.29 2.17 -4.59
N HIS F 21 -22.04 0.62 -2.77
CA HIS F 21 -20.59 0.69 -2.64
C HIS F 21 -20.11 2.09 -3.02
N ARG F 22 -20.59 2.58 -4.16
CA ARG F 22 -20.28 3.94 -4.59
C ARG F 22 -20.57 4.95 -3.48
N ALA F 23 -21.70 4.77 -2.81
CA ALA F 23 -22.15 5.70 -1.82
C ALA F 23 -21.34 5.61 -0.55
N ILE F 24 -21.01 4.39 -0.12
CA ILE F 24 -20.28 4.18 1.11
C ILE F 24 -18.82 4.57 0.99
N ILE F 25 -18.17 4.23 -0.12
CA ILE F 25 -16.77 4.66 -0.33
C ILE F 25 -16.67 6.19 -0.49
N SER F 26 -17.61 6.77 -1.23
CA SER F 26 -17.66 8.25 -1.32
C SER F 26 -17.88 8.95 0.05
N LEU F 27 -18.70 8.35 0.90
CA LEU F 27 -18.93 8.86 2.23
C LEU F 27 -17.65 8.69 3.03
N ARG F 28 -17.04 7.51 2.97
CA ARG F 28 -15.74 7.31 3.64
C ARG F 28 -14.69 8.33 3.25
N GLU F 29 -14.60 8.64 1.96
CA GLU F 29 -13.68 9.63 1.40
C GLU F 29 -13.93 11.07 1.84
N GLU F 30 -15.21 11.43 1.98
CA GLU F 30 -15.54 12.77 2.38
C GLU F 30 -15.09 12.94 3.85
N LEU F 31 -15.44 11.93 4.66
CA LEU F 31 -15.11 11.89 6.07
C LEU F 31 -13.60 11.96 6.30
N GLU F 32 -12.82 11.16 5.56
CA GLU F 32 -11.37 11.22 5.68
C GLU F 32 -10.84 12.64 5.39
N ALA F 33 -11.37 13.28 4.34
CA ALA F 33 -11.04 14.69 4.00
C ALA F 33 -11.19 15.61 5.19
N VAL F 34 -12.32 15.48 5.88
CA VAL F 34 -12.68 16.28 7.03
C VAL F 34 -11.64 16.11 8.13
N ASP F 35 -11.38 14.84 8.46
CA ASP F 35 -10.34 14.45 9.38
C ASP F 35 -9.02 15.07 8.95
N LEU F 36 -8.61 14.83 7.70
CA LEU F 36 -7.34 15.35 7.18
C LEU F 36 -7.31 16.90 7.24
N TYR F 37 -8.41 17.53 6.79
CA TYR F 37 -8.48 18.99 6.89
C TYR F 37 -8.39 19.47 8.34
N ASN F 38 -9.03 18.74 9.24
CA ASN F 38 -9.01 19.13 10.64
C ASN F 38 -7.59 19.03 11.23
N GLN F 39 -6.81 18.03 10.79
CA GLN F 39 -5.43 17.92 11.28
C GLN F 39 -4.68 19.09 10.72
N ARG F 40 -4.86 19.36 9.42
CA ARG F 40 -4.09 20.41 8.76
C ARG F 40 -4.41 21.79 9.28
N VAL F 41 -5.62 21.98 9.79
CA VAL F 41 -5.94 23.22 10.47
C VAL F 41 -5.18 23.31 11.81
N ASN F 42 -5.33 22.27 12.66
CA ASN F 42 -4.64 22.06 13.96
C ASN F 42 -3.14 22.30 13.86
N ALA F 43 -2.59 22.00 12.68
CA ALA F 43 -1.15 22.09 12.50
C ALA F 43 -0.67 23.28 11.65
N CYS F 44 -1.59 23.95 10.97
CA CYS F 44 -1.23 24.99 10.00
C CYS F 44 -0.63 26.24 10.60
N LYS F 45 0.33 26.85 9.89
CA LYS F 45 0.92 28.17 10.29
C LYS F 45 0.33 29.42 9.56
N ASP F 46 0.33 29.47 8.22
CA ASP F 46 -0.24 30.63 7.50
C ASP F 46 -1.76 30.70 7.65
N LYS F 47 -2.26 31.92 7.87
CA LYS F 47 -3.69 32.19 8.18
C LYS F 47 -4.63 32.03 6.99
N GLU F 48 -4.22 32.56 5.85
CA GLU F 48 -5.00 32.51 4.62
C GLU F 48 -5.31 31.04 4.24
N LEU F 49 -4.25 30.25 4.14
CA LEU F 49 -4.35 28.80 3.90
C LEU F 49 -5.29 28.13 4.91
N LYS F 50 -5.25 28.59 6.15
CA LYS F 50 -6.03 28.00 7.23
C LYS F 50 -7.50 28.15 6.94
N ALA F 51 -7.89 29.37 6.57
CA ALA F 51 -9.27 29.69 6.22
C ALA F 51 -9.74 28.82 5.07
N ILE F 52 -8.98 28.77 3.98
CA ILE F 52 -9.24 27.80 2.89
C ILE F 52 -9.43 26.37 3.38
N LEU F 53 -8.49 25.90 4.20
CA LEU F 53 -8.52 24.53 4.69
C LEU F 53 -9.81 24.24 5.45
N ALA F 54 -10.11 25.06 6.44
CA ALA F 54 -11.38 25.07 7.19
C ALA F 54 -12.62 25.22 6.32
N HIS F 55 -12.57 26.13 5.34
CA HIS F 55 -13.64 26.26 4.34
C HIS F 55 -13.93 24.93 3.59
N ASN F 56 -12.91 24.35 2.96
CA ASN F 56 -13.01 23.12 2.21
C ASN F 56 -13.54 22.03 3.13
N ARG F 57 -13.01 22.00 4.35
CA ARG F 57 -13.37 21.01 5.36
C ARG F 57 -14.84 21.01 5.63
N ASP F 58 -15.41 22.19 5.82
CA ASP F 58 -16.77 22.28 6.26
C ASP F 58 -17.76 21.98 5.13
N GLU F 59 -17.35 22.27 3.90
CA GLU F 59 -18.15 21.93 2.72
C GLU F 59 -18.19 20.43 2.59
N GLU F 60 -17.09 19.77 2.91
CA GLU F 60 -17.10 18.34 2.69
C GLU F 60 -17.99 17.54 3.68
N LYS F 61 -18.27 18.11 4.84
CA LYS F 61 -19.22 17.59 5.83
C LYS F 61 -20.64 17.58 5.25
N GLU F 62 -20.92 18.54 4.38
CA GLU F 62 -22.19 18.55 3.69
C GLU F 62 -22.31 17.32 2.79
N HIS F 63 -21.25 17.13 1.97
CA HIS F 63 -21.14 16.02 1.07
C HIS F 63 -21.34 14.70 1.81
N ALA F 64 -20.85 14.62 3.06
CA ALA F 64 -21.03 13.43 3.90
C ALA F 64 -22.53 13.25 4.21
N ALA F 65 -23.13 14.28 4.75
CA ALA F 65 -24.56 14.25 5.11
C ALA F 65 -25.50 13.86 3.94
N LEU F 67 -24.79 12.06 1.37
CA LEU F 67 -24.52 10.68 0.99
C LEU F 67 -25.11 9.71 1.99
N LEU F 68 -25.07 10.13 3.24
CA LEU F 68 -25.53 9.36 4.36
C LEU F 68 -27.02 9.33 4.32
N GLU F 69 -27.63 10.46 3.92
CA GLU F 69 -29.04 10.47 3.65
C GLU F 69 -29.36 9.51 2.51
N TRP F 70 -28.61 9.57 1.41
CA TRP F 70 -28.93 8.73 0.28
C TRP F 70 -28.97 7.29 0.75
N ILE F 71 -28.00 6.93 1.59
CA ILE F 71 -27.82 5.59 2.14
C ILE F 71 -29.06 5.22 2.98
N ARG F 72 -29.51 6.16 3.79
CA ARG F 72 -30.61 5.84 4.70
C ARG F 72 -31.84 5.44 3.94
N ARG F 73 -32.17 6.20 2.89
CA ARG F 73 -33.42 5.96 2.14
C ARG F 73 -33.44 4.57 1.52
N CYS F 74 -32.28 3.96 1.35
CA CYS F 74 -32.27 2.62 0.80
C CYS F 74 -31.65 1.54 1.68
N ASP F 75 -31.56 1.77 3.00
CA ASP F 75 -31.00 0.78 3.96
C ASP F 75 -31.90 0.78 5.20
N PRO F 76 -32.96 -0.03 5.20
CA PRO F 76 -33.83 0.02 6.37
C PRO F 76 -33.06 -0.21 7.69
N ALA F 77 -32.04 -1.07 7.67
CA ALA F 77 -31.34 -1.42 8.90
C ALA F 77 -30.49 -0.27 9.39
N PHE F 78 -29.99 0.52 8.44
CA PHE F 78 -29.26 1.70 8.78
C PHE F 78 -30.21 2.81 9.18
N ASP F 79 -31.40 2.85 8.58
CA ASP F 79 -32.45 3.82 8.95
C ASP F 79 -32.90 3.64 10.39
N LYS F 80 -33.01 2.39 10.85
CA LYS F 80 -33.31 2.11 12.27
C LYS F 80 -32.28 2.69 13.23
N GLU F 81 -31.02 2.30 13.05
CA GLU F 81 -29.93 2.68 13.96
C GLU F 81 -29.75 4.20 14.09
N LEU F 82 -29.95 4.93 13.00
CA LEU F 82 -29.86 6.38 13.01
C LEU F 82 -31.02 7.00 13.74
N LYS F 83 -32.18 6.36 13.67
CA LYS F 83 -33.33 6.84 14.40
C LYS F 83 -33.12 6.66 15.90
N ASP F 84 -32.46 5.58 16.30
CA ASP F 84 -32.15 5.30 17.70
C ASP F 84 -31.10 6.23 18.34
N TYR F 85 -30.03 6.60 17.60
CA TYR F 85 -28.99 7.41 18.22
C TYR F 85 -28.95 8.92 17.87
N LEU F 86 -29.31 9.29 16.64
CA LEU F 86 -29.03 10.66 16.18
C LEU F 86 -30.02 11.69 16.66
N PHE F 87 -29.54 12.92 16.83
CA PHE F 87 -30.32 14.02 17.43
C PHE F 87 -30.99 13.56 18.73
N THR F 88 -30.18 12.97 19.63
CA THR F 88 -30.60 12.60 20.97
C THR F 88 -29.70 13.29 21.97
N ASN F 89 -30.13 13.36 23.24
CA ASN F 89 -29.30 13.92 24.32
C ASN F 89 -28.93 12.88 25.40
N LYS F 90 -29.32 11.61 25.06
CA LYS F 90 -29.06 10.45 25.91
C LYS F 90 -27.66 9.87 25.71
N PRO F 91 -27.10 9.27 26.78
CA PRO F 91 -25.77 8.63 26.71
C PRO F 91 -25.73 7.55 25.60
N ILE F 92 -24.55 7.37 24.97
CA ILE F 92 -24.40 6.47 23.82
C ILE F 92 -24.07 5.04 24.29
N ALA F 93 -22.99 4.91 25.05
CA ALA F 93 -22.53 3.67 25.68
C ALA F 93 -22.18 3.87 27.18
N HIS F 94 -21.59 2.84 27.82
CA HIS F 94 -21.47 2.79 29.28
C HIS F 94 -20.03 2.55 29.75
N ASN G 3 -1.75 0.65 -8.02
CA ASN G 3 -3.14 1.17 -8.15
C ASN G 3 -3.21 2.27 -9.20
N ASP G 4 -3.90 1.97 -10.29
CA ASP G 4 -3.96 2.82 -11.49
C ASP G 4 -4.74 4.13 -11.36
N GLY G 5 -5.35 4.35 -10.20
CA GLY G 5 -6.30 5.45 -10.03
C GLY G 5 -7.63 5.24 -10.73
N TYR G 6 -7.86 4.03 -11.25
CA TYR G 6 -9.15 3.62 -11.79
C TYR G 6 -9.93 2.84 -10.74
N PHE G 7 -10.99 3.46 -10.24
CA PHE G 7 -11.78 2.88 -9.18
C PHE G 7 -13.05 2.20 -9.70
N GLU G 8 -13.22 2.28 -11.03
CA GLU G 8 -14.30 1.61 -11.77
C GLU G 8 -13.70 0.85 -12.98
N PRO G 9 -14.25 -0.31 -13.33
CA PRO G 9 -13.63 -0.99 -14.48
C PRO G 9 -13.50 -0.04 -15.70
N THR G 10 -12.35 -0.07 -16.36
CA THR G 10 -12.11 0.86 -17.49
C THR G 10 -13.18 0.66 -18.57
N GLN G 11 -13.57 -0.59 -18.78
CA GLN G 11 -14.53 -0.95 -19.82
C GLN G 11 -15.88 -0.25 -19.60
N GLU G 12 -16.15 0.21 -18.36
CA GLU G 12 -17.41 0.92 -18.09
C GLU G 12 -17.28 2.44 -18.17
N LEU G 13 -16.12 2.92 -18.60
CA LEU G 13 -15.89 4.37 -18.73
C LEU G 13 -15.60 4.72 -20.19
N SER G 14 -16.12 5.86 -20.63
CA SER G 14 -15.92 6.33 -21.98
C SER G 14 -14.49 6.79 -22.19
N ASP G 15 -14.12 6.93 -23.45
CA ASP G 15 -12.80 7.43 -23.82
C ASP G 15 -12.54 8.80 -23.21
N GLU G 16 -13.56 9.66 -23.27
CA GLU G 16 -13.47 11.00 -22.68
C GLU G 16 -13.09 10.94 -21.18
N THR G 17 -13.90 10.23 -20.38
CA THR G 17 -13.69 10.09 -18.95
C THR G 17 -12.30 9.53 -18.75
N ARG G 18 -11.88 8.65 -19.67
CA ARG G 18 -10.56 8.07 -19.54
C ARG G 18 -9.43 9.09 -19.92
N ASP G 19 -9.66 9.96 -20.88
CA ASP G 19 -8.67 10.99 -21.21
C ASP G 19 -8.56 12.02 -20.09
N HIS G 21 -9.17 11.42 -16.92
CA HIS G 21 -8.43 10.72 -15.86
C HIS G 21 -6.95 10.74 -16.19
N ARG G 22 -6.59 10.51 -17.44
CA ARG G 22 -5.18 10.59 -17.82
C ARG G 22 -4.57 11.94 -17.48
N ALA G 23 -5.36 13.00 -17.67
CA ALA G 23 -4.91 14.36 -17.45
C ALA G 23 -4.79 14.71 -15.95
N ILE G 24 -5.85 14.39 -15.21
CA ILE G 24 -5.85 14.60 -13.76
C ILE G 24 -4.74 13.79 -13.05
N ILE G 25 -4.66 12.50 -13.31
CA ILE G 25 -3.66 11.68 -12.60
C ILE G 25 -2.26 12.11 -12.98
N SER G 26 -2.06 12.46 -14.24
CA SER G 26 -0.79 13.07 -14.62
C SER G 26 -0.50 14.38 -13.90
N LEU G 27 -1.50 15.21 -13.70
CA LEU G 27 -1.32 16.45 -12.95
C LEU G 27 -0.93 16.14 -11.49
N ARG G 28 -1.74 15.32 -10.82
CA ARG G 28 -1.44 14.85 -9.48
C ARG G 28 0.00 14.41 -9.34
N GLU G 29 0.48 13.61 -10.29
CA GLU G 29 1.88 13.19 -10.30
C GLU G 29 2.95 14.29 -10.40
N GLU G 30 2.73 15.30 -11.27
CA GLU G 30 3.67 16.43 -11.44
C GLU G 30 3.75 17.30 -10.14
N LEU G 31 2.58 17.74 -9.68
CA LEU G 31 2.34 18.27 -8.35
C LEU G 31 3.05 17.51 -7.20
N GLU G 32 3.09 16.19 -7.27
CA GLU G 32 3.65 15.42 -6.16
C GLU G 32 5.16 15.58 -6.22
N ALA G 33 5.66 15.53 -7.44
CA ALA G 33 7.06 15.62 -7.70
C ALA G 33 7.51 17.02 -7.30
N VAL G 34 6.66 18.02 -7.49
CA VAL G 34 6.95 19.34 -6.98
C VAL G 34 7.14 19.35 -5.46
N ASP G 35 6.14 18.88 -4.75
CA ASP G 35 6.15 18.78 -3.28
C ASP G 35 7.38 17.97 -2.89
N LEU G 36 7.55 16.80 -3.48
CA LEU G 36 8.69 15.95 -3.16
C LEU G 36 10.01 16.67 -3.37
N TYR G 37 10.22 17.21 -4.58
CA TYR G 37 11.44 17.96 -4.92
C TYR G 37 11.68 19.13 -3.97
N ASN G 38 10.61 19.87 -3.72
CA ASN G 38 10.61 20.86 -2.68
C ASN G 38 11.19 20.34 -1.34
N GLN G 39 10.66 19.23 -0.85
CA GLN G 39 11.09 18.72 0.45
C GLN G 39 12.54 18.29 0.32
N ARG G 40 12.90 17.77 -0.86
CA ARG G 40 14.25 17.31 -1.06
C ARG G 40 15.26 18.45 -1.17
N VAL G 41 14.89 19.53 -1.87
CA VAL G 41 15.69 20.76 -1.89
C VAL G 41 16.06 21.28 -0.49
N ASN G 42 15.05 21.44 0.37
CA ASN G 42 15.15 21.88 1.79
C ASN G 42 16.04 20.97 2.60
N ALA G 43 15.94 19.67 2.39
CA ALA G 43 16.68 18.69 3.19
C ALA G 43 18.04 18.43 2.61
N CYS G 44 18.28 18.88 1.38
CA CYS G 44 19.45 18.43 0.64
C CYS G 44 20.65 18.99 1.33
N LYS G 45 21.78 18.32 1.19
CA LYS G 45 23.05 18.92 1.61
C LYS G 45 23.99 19.29 0.44
N ASP G 46 24.20 18.37 -0.50
CA ASP G 46 25.11 18.63 -1.62
C ASP G 46 24.53 19.67 -2.58
N LYS G 47 25.31 20.70 -2.88
CA LYS G 47 24.86 21.85 -3.69
C LYS G 47 24.49 21.50 -5.13
N GLU G 48 25.23 20.60 -5.76
CA GLU G 48 25.03 20.27 -7.17
C GLU G 48 23.77 19.44 -7.35
N LEU G 49 23.60 18.43 -6.48
CA LEU G 49 22.35 17.70 -6.39
C LEU G 49 21.22 18.71 -6.24
N LYS G 50 21.35 19.62 -5.27
CA LYS G 50 20.35 20.65 -4.98
C LYS G 50 19.87 21.42 -6.20
N ALA G 51 20.80 21.83 -7.08
CA ALA G 51 20.48 22.58 -8.29
C ALA G 51 19.65 21.75 -9.26
N ILE G 52 20.07 20.51 -9.47
CA ILE G 52 19.33 19.53 -10.25
C ILE G 52 17.90 19.33 -9.73
N LEU G 53 17.77 19.13 -8.41
CA LEU G 53 16.46 18.94 -7.78
C LEU G 53 15.55 20.14 -8.00
N ALA G 54 16.12 21.33 -7.78
CA ALA G 54 15.45 22.59 -8.10
C ALA G 54 15.10 22.74 -9.59
N HIS G 55 16.01 22.37 -10.49
CA HIS G 55 15.77 22.40 -11.95
C HIS G 55 14.60 21.50 -12.36
N ASN G 56 14.64 20.22 -11.93
CA ASN G 56 13.56 19.28 -12.19
C ASN G 56 12.22 19.78 -11.72
N ARG G 57 12.21 20.36 -10.52
CA ARG G 57 11.00 20.88 -9.85
C ARG G 57 10.31 22.00 -10.64
N ASP G 58 11.10 22.89 -11.22
CA ASP G 58 10.49 24.01 -11.94
C ASP G 58 9.85 23.60 -13.27
N GLU G 59 10.52 22.75 -14.04
CA GLU G 59 9.92 22.20 -15.24
C GLU G 59 8.72 21.35 -14.92
N GLU G 60 8.73 20.59 -13.79
CA GLU G 60 7.50 19.83 -13.44
C GLU G 60 6.32 20.84 -13.20
N LYS G 61 6.60 22.00 -12.64
CA LYS G 61 5.63 23.14 -12.68
C LYS G 61 5.07 23.53 -14.07
N GLU G 62 5.90 23.42 -15.12
CA GLU G 62 5.43 23.66 -16.50
C GLU G 62 4.55 22.49 -16.96
N HIS G 63 5.05 21.29 -16.73
CA HIS G 63 4.28 20.08 -16.93
C HIS G 63 2.90 20.20 -16.31
N ALA G 64 2.85 20.58 -15.03
CA ALA G 64 1.58 20.80 -14.33
C ALA G 64 0.65 21.78 -15.05
N ALA G 65 1.15 22.98 -15.33
CA ALA G 65 0.33 24.08 -15.92
C ALA G 65 -0.29 23.76 -17.31
N LEU G 67 -1.16 20.73 -18.29
CA LEU G 67 -2.19 19.77 -17.92
C LEU G 67 -3.47 20.44 -17.42
N LEU G 68 -3.36 21.48 -16.62
CA LEU G 68 -4.55 22.06 -16.02
C LEU G 68 -5.20 23.01 -17.02
N GLU G 69 -4.40 23.53 -17.95
CA GLU G 69 -4.97 24.22 -19.07
C GLU G 69 -5.79 23.23 -19.89
N TRP G 70 -5.20 22.08 -20.23
CA TRP G 70 -5.96 21.13 -21.05
C TRP G 70 -7.27 20.78 -20.35
N ILE G 71 -7.23 20.58 -19.02
CA ILE G 71 -8.43 20.35 -18.23
C ILE G 71 -9.47 21.49 -18.48
N ARG G 72 -9.04 22.71 -18.27
CA ARG G 72 -9.86 23.91 -18.49
C ARG G 72 -10.69 23.84 -19.77
N ARG G 73 -10.00 23.62 -20.89
CA ARG G 73 -10.59 23.79 -22.23
C ARG G 73 -11.70 22.78 -22.49
N CYS G 74 -11.73 21.72 -21.69
CA CYS G 74 -12.72 20.68 -21.87
C CYS G 74 -13.49 20.38 -20.56
N ASP G 75 -13.58 21.38 -19.68
CA ASP G 75 -14.35 21.29 -18.42
C ASP G 75 -14.95 22.67 -18.09
N PRO G 76 -16.20 22.93 -18.54
CA PRO G 76 -16.82 24.24 -18.22
C PRO G 76 -16.89 24.53 -16.71
N ALA G 77 -17.04 23.51 -15.88
CA ALA G 77 -17.21 23.76 -14.46
C ALA G 77 -15.88 24.13 -13.81
N PHE G 78 -14.81 23.49 -14.27
CA PHE G 78 -13.47 23.78 -13.79
C PHE G 78 -13.03 25.14 -14.27
N ASP G 79 -13.23 25.40 -15.57
CA ASP G 79 -12.89 26.67 -16.18
C ASP G 79 -13.45 27.81 -15.35
N LYS G 80 -14.75 27.75 -15.07
CA LYS G 80 -15.45 28.81 -14.34
C LYS G 80 -14.77 29.14 -13.02
N GLU G 81 -14.35 28.08 -12.35
CA GLU G 81 -13.78 28.14 -11.01
C GLU G 81 -12.37 28.74 -11.05
N LEU G 82 -11.59 28.35 -12.05
CA LEU G 82 -10.29 28.99 -12.29
C LEU G 82 -10.44 30.44 -12.66
N LYS G 83 -11.54 30.76 -13.34
CA LYS G 83 -11.86 32.14 -13.65
C LYS G 83 -12.04 32.90 -12.33
N ASP G 84 -12.86 32.33 -11.45
CA ASP G 84 -13.29 32.97 -10.21
C ASP G 84 -12.13 33.35 -9.26
N TYR G 85 -11.11 32.48 -9.18
CA TYR G 85 -10.03 32.60 -8.18
C TYR G 85 -8.63 32.87 -8.71
N LEU G 86 -8.28 32.36 -9.89
CA LEU G 86 -6.93 32.60 -10.43
C LEU G 86 -6.59 34.04 -10.81
N PHE G 87 -5.31 34.37 -10.63
CA PHE G 87 -4.76 35.68 -10.90
C PHE G 87 -5.65 36.77 -10.28
N THR G 88 -5.72 36.76 -8.96
CA THR G 88 -6.69 37.54 -8.20
C THR G 88 -6.03 38.01 -6.91
N ASN G 89 -6.72 38.86 -6.15
CA ASN G 89 -6.15 39.48 -4.95
C ASN G 89 -7.16 39.70 -3.81
N LYS G 90 -8.44 39.39 -4.08
CA LYS G 90 -9.44 39.37 -3.01
C LYS G 90 -9.26 38.12 -2.10
N PRO G 91 -9.60 38.26 -0.79
CA PRO G 91 -9.56 37.14 0.16
C PRO G 91 -10.22 35.87 -0.41
N ILE G 92 -9.76 34.71 0.04
CA ILE G 92 -10.27 33.44 -0.46
C ILE G 92 -11.09 32.79 0.65
N ALA G 93 -12.42 32.77 0.48
CA ALA G 93 -13.33 32.29 1.52
C ALA G 93 -14.40 31.36 0.96
N ASP H 4 1.70 15.87 5.36
CA ASP H 4 0.95 14.59 5.36
C ASP H 4 1.74 13.43 4.65
N GLY H 5 1.70 13.31 3.33
CA GLY H 5 2.71 12.48 2.60
C GLY H 5 4.10 13.14 2.59
N TYR H 6 4.94 12.80 3.57
CA TYR H 6 6.22 13.45 3.79
C TYR H 6 7.36 12.49 3.47
N PHE H 7 8.29 12.90 2.59
CA PHE H 7 9.42 12.01 2.31
C PHE H 7 10.68 12.33 3.11
N GLU H 8 10.67 13.47 3.79
CA GLU H 8 11.75 13.85 4.69
C GLU H 8 11.11 14.15 6.04
N PRO H 9 11.84 13.89 7.14
CA PRO H 9 11.27 14.02 8.48
C PRO H 9 10.70 15.43 8.69
N THR H 10 9.55 15.52 9.35
CA THR H 10 8.90 16.81 9.58
C THR H 10 9.83 17.87 10.24
N GLN H 11 10.67 17.43 11.18
CA GLN H 11 11.53 18.34 11.95
C GLN H 11 12.64 18.99 11.12
N GLU H 12 12.90 18.40 9.95
CA GLU H 12 13.89 18.92 9.02
C GLU H 12 13.20 19.79 7.98
N LEU H 13 11.99 20.27 8.27
CA LEU H 13 11.32 21.10 7.25
C LEU H 13 10.72 22.33 7.85
N SER H 14 11.07 23.46 7.26
CA SER H 14 10.51 24.74 7.66
C SER H 14 8.98 24.73 7.62
N ASP H 15 8.40 25.65 8.39
CA ASP H 15 6.98 25.92 8.41
C ASP H 15 6.49 26.35 7.06
N GLU H 16 7.34 27.04 6.31
CA GLU H 16 6.95 27.54 4.98
C GLU H 16 6.78 26.39 3.96
N THR H 17 7.74 25.48 3.96
CA THR H 17 7.73 24.30 3.12
C THR H 17 6.61 23.33 3.54
N ARG H 18 6.32 23.29 4.84
CA ARG H 18 5.24 22.46 5.40
C ARG H 18 3.83 22.97 5.09
N ASP H 19 3.63 24.29 5.09
CA ASP H 19 2.35 24.84 4.64
C ASP H 19 2.11 24.64 3.13
N HIS H 21 3.36 22.25 1.56
CA HIS H 21 3.05 20.85 1.38
C HIS H 21 1.58 20.58 1.73
N ARG H 22 1.09 21.26 2.75
CA ARG H 22 -0.28 21.11 3.11
C ARG H 22 -1.18 21.57 1.99
N ALA H 23 -0.68 22.53 1.23
CA ALA H 23 -1.43 23.10 0.13
C ALA H 23 -1.47 22.18 -1.08
N ILE H 24 -0.31 21.60 -1.41
CA ILE H 24 -0.20 20.79 -2.61
C ILE H 24 -0.95 19.49 -2.39
N ILE H 25 -0.80 18.90 -1.20
CA ILE H 25 -1.40 17.56 -0.98
C ILE H 25 -2.91 17.68 -0.90
N SER H 26 -3.38 18.76 -0.33
CA SER H 26 -4.81 19.03 -0.30
C SER H 26 -5.32 19.15 -1.73
N LEU H 27 -4.53 19.85 -2.57
CA LEU H 27 -4.89 20.08 -3.97
C LEU H 27 -4.95 18.73 -4.68
N ARG H 28 -3.94 17.88 -4.44
CA ARG H 28 -3.85 16.57 -5.07
C ARG H 28 -5.01 15.66 -4.66
N GLU H 29 -5.54 15.88 -3.46
CA GLU H 29 -6.69 15.13 -2.96
C GLU H 29 -7.93 15.64 -3.61
N GLU H 30 -8.15 16.96 -3.56
CA GLU H 30 -9.29 17.53 -4.23
C GLU H 30 -9.39 17.04 -5.69
N LEU H 31 -8.25 17.00 -6.39
CA LEU H 31 -8.19 16.65 -7.80
C LEU H 31 -8.49 15.17 -8.01
N GLU H 32 -8.08 14.37 -7.02
CA GLU H 32 -8.35 12.94 -7.01
C GLU H 32 -9.82 12.69 -6.79
N ALA H 33 -10.41 13.44 -5.87
CA ALA H 33 -11.84 13.33 -5.65
C ALA H 33 -12.63 13.73 -6.89
N VAL H 34 -12.09 14.66 -7.70
CA VAL H 34 -12.74 14.99 -8.95
C VAL H 34 -12.72 13.81 -9.91
N ASP H 35 -11.52 13.25 -10.12
CA ASP H 35 -11.33 12.22 -11.12
C ASP H 35 -12.22 11.05 -10.72
N LEU H 36 -12.35 10.85 -9.42
CA LEU H 36 -13.07 9.68 -8.89
C LEU H 36 -14.55 9.86 -8.89
N TYR H 37 -15.05 11.06 -8.55
CA TYR H 37 -16.50 11.27 -8.67
C TYR H 37 -16.91 11.17 -10.13
N ASN H 38 -16.06 11.67 -11.02
CA ASN H 38 -16.31 11.64 -12.46
C ASN H 38 -16.44 10.18 -12.98
N GLN H 39 -15.61 9.29 -12.47
CA GLN H 39 -15.71 7.87 -12.79
C GLN H 39 -17.00 7.30 -12.22
N ARG H 40 -17.32 7.66 -10.98
CA ARG H 40 -18.53 7.08 -10.39
C ARG H 40 -19.76 7.57 -11.09
N VAL H 41 -19.74 8.83 -11.57
CA VAL H 41 -20.82 9.43 -12.31
C VAL H 41 -21.08 8.60 -13.57
N ASN H 42 -20.01 8.26 -14.29
CA ASN H 42 -20.08 7.53 -15.58
C ASN H 42 -20.56 6.11 -15.32
N ALA H 43 -20.22 5.56 -14.16
CA ALA H 43 -20.61 4.18 -13.83
C ALA H 43 -21.96 4.09 -13.09
N CYS H 44 -22.37 5.16 -12.42
CA CYS H 44 -23.57 5.15 -11.58
C CYS H 44 -24.79 4.63 -12.29
N LYS H 45 -25.54 3.77 -11.61
CA LYS H 45 -26.91 3.45 -12.04
C LYS H 45 -28.03 4.34 -11.44
N ASP H 46 -28.03 4.62 -10.14
CA ASP H 46 -29.14 5.40 -9.52
C ASP H 46 -29.08 6.93 -9.83
N LYS H 47 -30.20 7.49 -10.30
CA LYS H 47 -30.28 8.90 -10.73
C LYS H 47 -29.99 9.86 -9.60
N GLU H 48 -30.63 9.63 -8.46
CA GLU H 48 -30.44 10.50 -7.28
C GLU H 48 -28.98 10.49 -6.76
N LEU H 49 -28.35 9.31 -6.76
CA LEU H 49 -26.97 9.21 -6.38
C LEU H 49 -26.11 9.87 -7.43
N LYS H 50 -26.43 9.67 -8.71
CA LYS H 50 -25.73 10.35 -9.81
C LYS H 50 -25.59 11.83 -9.48
N ALA H 51 -26.70 12.46 -9.10
CA ALA H 51 -26.71 13.90 -8.87
C ALA H 51 -25.86 14.29 -7.68
N ILE H 52 -25.87 13.47 -6.62
CA ILE H 52 -25.05 13.74 -5.43
C ILE H 52 -23.58 13.71 -5.76
N LEU H 53 -23.22 12.74 -6.58
CA LEU H 53 -21.85 12.51 -6.99
C LEU H 53 -21.30 13.65 -7.84
N ALA H 54 -22.10 14.10 -8.80
CA ALA H 54 -21.74 15.20 -9.71
C ALA H 54 -21.70 16.56 -9.00
N HIS H 55 -22.69 16.80 -8.15
CA HIS H 55 -22.64 17.93 -7.21
C HIS H 55 -21.31 18.04 -6.46
N ASN H 56 -20.94 16.97 -5.76
CA ASN H 56 -19.75 17.03 -4.94
C ASN H 56 -18.53 17.19 -5.82
N ARG H 57 -18.52 16.48 -6.96
CA ARG H 57 -17.49 16.62 -8.00
C ARG H 57 -17.20 18.07 -8.44
N ASP H 58 -18.22 18.85 -8.68
CA ASP H 58 -17.98 20.19 -9.25
C ASP H 58 -17.47 21.16 -8.19
N GLU H 59 -17.98 20.96 -7.00
CA GLU H 59 -17.50 21.65 -5.80
C GLU H 59 -16.04 21.37 -5.52
N GLU H 60 -15.60 20.14 -5.70
CA GLU H 60 -14.19 19.85 -5.39
C GLU H 60 -13.29 20.72 -6.29
N LYS H 61 -13.73 20.91 -7.53
CA LYS H 61 -13.10 21.83 -8.48
C LYS H 61 -12.90 23.25 -7.96
N GLU H 62 -13.86 23.77 -7.19
CA GLU H 62 -13.65 25.00 -6.44
C GLU H 62 -12.53 24.85 -5.43
N HIS H 63 -12.59 23.78 -4.64
CA HIS H 63 -11.61 23.57 -3.60
C HIS H 63 -10.26 23.59 -4.26
N ALA H 64 -10.12 22.83 -5.34
CA ALA H 64 -8.88 22.84 -6.11
C ALA H 64 -8.52 24.24 -6.60
N ALA H 65 -9.52 25.04 -6.96
CA ALA H 65 -9.29 26.28 -7.71
C ALA H 65 -8.10 27.23 -7.34
N LEU H 67 -7.07 26.56 -3.79
CA LEU H 67 -5.81 26.09 -3.24
C LEU H 67 -4.67 26.42 -4.18
N LEU H 68 -4.92 26.23 -5.47
CA LEU H 68 -3.97 26.57 -6.51
C LEU H 68 -3.66 28.09 -6.56
N GLU H 69 -4.69 28.92 -6.49
CA GLU H 69 -4.41 30.35 -6.39
C GLU H 69 -3.42 30.56 -5.24
N TRP H 70 -3.68 29.90 -4.11
CA TRP H 70 -2.85 30.14 -2.92
C TRP H 70 -1.42 29.80 -3.24
N ILE H 71 -1.21 28.66 -3.91
CA ILE H 71 0.12 28.21 -4.33
C ILE H 71 0.85 29.26 -5.17
N ARG H 72 0.27 29.64 -6.29
CA ARG H 72 0.93 30.56 -7.23
C ARG H 72 1.31 31.88 -6.58
N ARG H 73 0.55 32.33 -5.58
CA ARG H 73 0.84 33.58 -4.89
C ARG H 73 2.18 33.52 -4.18
N CYS H 74 2.62 32.33 -3.77
CA CYS H 74 3.95 32.19 -3.20
C CYS H 74 4.80 31.24 -4.04
N ASP H 75 4.61 31.26 -5.36
CA ASP H 75 5.47 30.42 -6.20
C ASP H 75 5.72 31.11 -7.52
N PRO H 76 6.63 32.10 -7.53
CA PRO H 76 6.81 32.94 -8.72
C PRO H 76 7.03 32.08 -9.95
N ALA H 77 7.68 30.93 -9.75
CA ALA H 77 7.97 30.01 -10.82
C ALA H 77 6.71 29.27 -11.27
N PHE H 78 5.82 28.98 -10.32
CA PHE H 78 4.55 28.40 -10.71
C PHE H 78 3.64 29.47 -11.23
N ASP H 79 3.72 30.66 -10.62
CA ASP H 79 3.03 31.83 -11.19
C ASP H 79 3.39 32.02 -12.65
N LYS H 80 4.67 31.88 -12.98
CA LYS H 80 5.12 32.19 -14.34
C LYS H 80 4.62 31.15 -15.35
N GLU H 81 4.64 29.89 -14.93
CA GLU H 81 4.21 28.80 -15.79
C GLU H 81 2.70 28.82 -16.03
N LEU H 82 1.97 29.37 -15.07
CA LEU H 82 0.52 29.54 -15.14
C LEU H 82 0.11 30.57 -16.18
N LYS H 83 0.65 31.78 -16.03
CA LYS H 83 0.39 32.85 -16.97
C LYS H 83 0.71 32.44 -18.39
N ASP H 84 1.73 31.60 -18.56
CA ASP H 84 2.23 31.24 -19.88
C ASP H 84 1.50 30.05 -20.55
N TYR H 85 0.60 29.38 -19.81
CA TYR H 85 -0.28 28.37 -20.41
C TYR H 85 -1.79 28.49 -20.19
N LEU H 86 -2.23 29.11 -19.09
CA LEU H 86 -3.66 29.16 -18.78
C LEU H 86 -4.39 30.13 -19.66
N PHE H 87 -5.70 29.87 -19.84
CA PHE H 87 -6.63 30.71 -20.65
C PHE H 87 -6.27 30.98 -22.11
N THR H 88 -5.23 30.31 -22.60
CA THR H 88 -4.74 30.50 -23.97
C THR H 88 -5.44 29.57 -24.95
N ASN H 89 -5.36 29.89 -26.24
CA ASN H 89 -5.97 29.05 -27.27
C ASN H 89 -5.00 28.50 -28.33
N LYS H 90 -3.71 28.77 -28.14
CA LYS H 90 -2.64 28.08 -28.87
C LYS H 90 -2.56 26.60 -28.50
N PRO H 91 -2.08 25.76 -29.44
CA PRO H 91 -1.71 24.37 -29.14
C PRO H 91 -0.65 24.31 -28.03
N ILE H 92 -0.98 23.67 -26.92
CA ILE H 92 -0.14 23.77 -25.73
C ILE H 92 1.19 22.98 -25.79
N ALA H 93 1.20 21.84 -26.46
CA ALA H 93 2.45 21.16 -26.81
C ALA H 93 2.74 21.19 -28.31
N HIS H 94 4.03 21.34 -28.67
CA HIS H 94 4.49 21.55 -30.08
C HIS H 94 3.58 20.99 -31.17
N ASP I 4 7.79 6.23 1.77
CA ASP I 4 8.88 7.28 1.70
C ASP I 4 10.26 6.80 1.16
N GLY I 5 10.52 5.48 1.22
CA GLY I 5 11.77 4.89 0.72
C GLY I 5 12.99 4.89 1.65
N TYR I 6 12.81 5.28 2.92
CA TYR I 6 13.85 5.12 3.96
C TYR I 6 13.51 3.86 4.76
N PHE I 7 14.36 2.85 4.63
CA PHE I 7 14.18 1.57 5.33
C PHE I 7 14.98 1.43 6.60
N GLU I 8 15.87 2.38 6.85
CA GLU I 8 16.61 2.47 8.13
C GLU I 8 16.28 3.84 8.72
N PRO I 9 16.21 3.96 10.08
CA PRO I 9 15.98 5.28 10.66
C PRO I 9 16.96 6.31 10.11
N THR I 10 16.37 7.35 9.56
CA THR I 10 17.01 8.61 9.16
C THR I 10 18.20 9.10 10.06
N GLN I 11 18.19 8.86 11.36
CA GLN I 11 19.30 9.36 12.22
C GLN I 11 20.58 8.50 12.18
N GLU I 12 20.43 7.26 11.68
CA GLU I 12 21.52 6.32 11.59
C GLU I 12 22.22 6.37 10.22
N LEU I 13 21.86 7.34 9.39
CA LEU I 13 22.44 7.44 8.05
C LEU I 13 23.17 8.77 7.86
N SER I 14 24.37 8.68 7.27
CA SER I 14 25.21 9.85 7.04
C SER I 14 24.55 10.74 6.01
N ASP I 15 24.93 12.00 5.98
CA ASP I 15 24.41 12.97 5.01
C ASP I 15 24.58 12.54 3.57
N GLU I 16 25.77 12.12 3.18
CA GLU I 16 25.92 11.68 1.78
C GLU I 16 25.18 10.39 1.35
N THR I 17 24.89 9.52 2.31
CA THR I 17 24.01 8.39 2.09
C THR I 17 22.62 8.92 1.78
N ARG I 18 22.24 9.99 2.47
CA ARG I 18 20.92 10.60 2.33
C ARG I 18 20.79 11.41 1.04
N ASP I 19 21.88 12.05 0.62
CA ASP I 19 21.92 12.68 -0.71
C ASP I 19 21.84 11.63 -1.83
N HIS I 21 20.49 8.69 -1.49
CA HIS I 21 19.10 8.30 -1.46
C HIS I 21 18.13 9.25 -2.17
N ARG I 22 18.30 10.55 -1.94
CA ARG I 22 17.51 11.57 -2.62
C ARG I 22 17.78 11.52 -4.14
N ALA I 23 19.00 11.24 -4.53
CA ALA I 23 19.27 11.19 -5.96
C ALA I 23 18.57 9.96 -6.59
N ILE I 24 18.77 8.79 -5.99
CA ILE I 24 18.25 7.55 -6.52
C ILE I 24 16.71 7.57 -6.52
N ILE I 25 16.12 8.01 -5.43
CA ILE I 25 14.67 7.96 -5.42
C ILE I 25 14.10 8.90 -6.46
N SER I 26 14.61 10.12 -6.53
CA SER I 26 14.27 11.04 -7.61
C SER I 26 14.44 10.44 -9.01
N LEU I 27 15.52 9.69 -9.24
CA LEU I 27 15.76 9.07 -10.55
C LEU I 27 14.73 7.99 -10.82
N ARG I 28 14.41 7.20 -9.80
CA ARG I 28 13.34 6.21 -9.88
C ARG I 28 12.00 6.85 -10.22
N GLU I 29 11.76 8.02 -9.64
CA GLU I 29 10.47 8.67 -9.85
C GLU I 29 10.36 9.15 -11.27
N GLU I 30 11.42 9.80 -11.77
CA GLU I 30 11.41 10.32 -13.10
C GLU I 30 11.20 9.17 -14.11
N LEU I 31 11.86 8.04 -13.85
CA LEU I 31 11.83 6.88 -14.72
C LEU I 31 10.45 6.32 -14.75
N GLU I 32 9.76 6.46 -13.61
CA GLU I 32 8.41 5.93 -13.47
C GLU I 32 7.50 6.75 -14.34
N ALA I 33 7.66 8.06 -14.19
CA ALA I 33 7.03 9.09 -15.06
C ALA I 33 7.16 8.77 -16.53
N VAL I 34 8.36 8.41 -16.96
CA VAL I 34 8.60 8.09 -18.40
C VAL I 34 7.74 6.89 -18.80
N ASP I 35 7.83 5.83 -18.00
CA ASP I 35 7.06 4.62 -18.17
C ASP I 35 5.57 4.93 -18.13
N LEU I 36 5.12 5.66 -17.13
CA LEU I 36 3.67 5.96 -17.05
C LEU I 36 3.23 6.75 -18.25
N TYR I 37 3.93 7.82 -18.55
CA TYR I 37 3.56 8.68 -19.67
C TYR I 37 3.54 7.90 -20.95
N ASN I 38 4.43 6.90 -21.05
CA ASN I 38 4.53 6.06 -22.26
C ASN I 38 3.26 5.25 -22.42
N GLN I 39 2.72 4.79 -21.28
CA GLN I 39 1.50 3.99 -21.26
C GLN I 39 0.34 4.84 -21.68
N ARG I 40 0.22 6.01 -21.06
CA ARG I 40 -0.86 6.95 -21.35
C ARG I 40 -0.76 7.40 -22.80
N VAL I 41 0.45 7.65 -23.31
CA VAL I 41 0.61 8.00 -24.72
C VAL I 41 -0.01 6.92 -25.63
N ASN I 42 0.40 5.66 -25.42
CA ASN I 42 -0.06 4.50 -26.20
C ASN I 42 -1.56 4.31 -26.12
N ALA I 43 -2.11 4.59 -24.93
CA ALA I 43 -3.53 4.38 -24.65
C ALA I 43 -4.40 5.63 -24.79
N CYS I 44 -3.79 6.76 -25.13
CA CYS I 44 -4.49 8.03 -25.19
C CYS I 44 -5.38 8.09 -26.40
N LYS I 45 -6.56 8.72 -26.26
CA LYS I 45 -7.38 9.10 -27.44
C LYS I 45 -7.22 10.57 -27.93
N ASP I 46 -7.45 11.56 -27.08
CA ASP I 46 -7.40 12.99 -27.48
C ASP I 46 -5.99 13.39 -27.98
N LYS I 47 -5.89 13.91 -29.20
CA LYS I 47 -4.57 14.23 -29.81
C LYS I 47 -3.77 15.34 -29.08
N GLU I 48 -4.49 16.25 -28.43
CA GLU I 48 -3.90 17.42 -27.76
C GLU I 48 -3.38 17.03 -26.37
N LEU I 49 -4.19 16.27 -25.62
CA LEU I 49 -3.70 15.67 -24.41
C LEU I 49 -2.48 14.84 -24.75
N LYS I 50 -2.57 14.05 -25.83
CA LYS I 50 -1.47 13.17 -26.27
C LYS I 50 -0.13 13.90 -26.39
N ALA I 51 -0.14 15.05 -27.07
CA ALA I 51 1.07 15.83 -27.28
C ALA I 51 1.66 16.34 -25.95
N ILE I 52 0.80 16.84 -25.07
CA ILE I 52 1.15 17.22 -23.69
C ILE I 52 1.86 16.10 -22.91
N LEU I 53 1.31 14.88 -22.98
CA LEU I 53 1.87 13.73 -22.29
C LEU I 53 3.26 13.36 -22.78
N ALA I 54 3.42 13.25 -24.09
CA ALA I 54 4.72 12.90 -24.68
C ALA I 54 5.81 13.94 -24.40
N HIS I 55 5.41 15.21 -24.33
CA HIS I 55 6.34 16.31 -24.02
C HIS I 55 6.89 16.17 -22.61
N ASN I 56 5.98 16.00 -21.66
CA ASN I 56 6.38 15.84 -20.27
C ASN I 56 7.35 14.67 -20.21
N ARG I 57 7.00 13.62 -20.92
CA ARG I 57 7.74 12.37 -20.90
C ARG I 57 9.20 12.51 -21.30
N ASP I 58 9.43 12.95 -22.53
CA ASP I 58 10.79 13.18 -23.02
C ASP I 58 11.57 14.20 -22.17
N GLU I 59 10.85 15.17 -21.62
CA GLU I 59 11.39 16.10 -20.61
C GLU I 59 11.90 15.39 -19.32
N GLU I 60 11.17 14.35 -18.90
CA GLU I 60 11.52 13.63 -17.69
C GLU I 60 12.76 12.77 -17.99
N LYS I 61 12.87 12.30 -19.22
CA LYS I 61 14.14 11.69 -19.70
C LYS I 61 15.42 12.51 -19.40
N GLU I 62 15.26 13.83 -19.40
CA GLU I 62 16.37 14.75 -19.21
C GLU I 62 16.70 14.74 -17.74
N HIS I 63 15.67 14.72 -16.93
CA HIS I 63 15.82 14.81 -15.49
C HIS I 63 16.58 13.58 -15.03
N ALA I 64 16.22 12.43 -15.60
CA ALA I 64 16.86 11.18 -15.31
C ALA I 64 18.33 11.19 -15.69
N ALA I 65 18.61 11.51 -16.95
CA ALA I 65 19.99 11.64 -17.42
C ALA I 65 20.78 12.50 -16.46
N LEU I 67 20.22 13.14 -13.14
CA LEU I 67 20.44 12.50 -11.85
C LEU I 67 21.45 11.37 -11.96
N LEU I 68 21.38 10.63 -13.05
CA LEU I 68 22.28 9.50 -13.30
C LEU I 68 23.76 9.93 -13.37
N GLU I 69 24.04 10.96 -14.14
CA GLU I 69 25.42 11.47 -14.18
C GLU I 69 25.82 11.92 -12.80
N TRP I 70 24.91 12.58 -12.05
CA TRP I 70 25.25 12.98 -10.69
C TRP I 70 25.55 11.72 -9.88
N ILE I 71 24.74 10.67 -10.04
CA ILE I 71 25.03 9.44 -9.28
C ILE I 71 26.43 9.00 -9.73
N ARG I 72 26.63 8.97 -11.04
CA ARG I 72 27.90 8.49 -11.57
C ARG I 72 29.11 9.22 -10.96
N ARG I 73 29.08 10.56 -10.84
CA ARG I 73 30.20 11.29 -10.24
C ARG I 73 30.59 10.71 -8.88
N CYS I 74 29.59 10.22 -8.16
CA CYS I 74 29.72 9.94 -6.73
C CYS I 74 29.92 8.46 -6.39
N ASP I 75 29.64 7.58 -7.34
CA ASP I 75 29.68 6.14 -7.06
C ASP I 75 30.64 5.54 -8.11
N PRO I 76 31.90 5.24 -7.73
CA PRO I 76 32.82 4.65 -8.73
C PRO I 76 32.49 3.22 -9.18
N ALA I 77 31.80 2.44 -8.33
CA ALA I 77 31.46 1.06 -8.68
C ALA I 77 30.46 1.14 -9.82
N PHE I 78 29.66 2.18 -9.76
CA PHE I 78 28.58 2.38 -10.69
C PHE I 78 29.13 2.90 -11.99
N ASP I 79 30.06 3.83 -11.86
CA ASP I 79 30.84 4.36 -12.97
C ASP I 79 31.51 3.24 -13.76
N LYS I 80 32.26 2.39 -13.08
CA LYS I 80 32.86 1.18 -13.67
C LYS I 80 31.89 0.36 -14.52
N GLU I 81 30.64 0.32 -14.09
CA GLU I 81 29.61 -0.49 -14.75
C GLU I 81 28.97 0.18 -15.97
N LEU I 82 28.62 1.45 -15.85
CA LEU I 82 28.10 2.21 -16.99
C LEU I 82 29.17 2.26 -18.07
N LYS I 83 30.42 2.31 -17.66
CA LYS I 83 31.44 2.29 -18.68
C LYS I 83 31.77 0.90 -19.21
N ASP I 84 31.21 -0.15 -18.60
CA ASP I 84 31.26 -1.45 -19.23
C ASP I 84 30.11 -1.68 -20.18
N TYR I 85 29.07 -0.85 -20.09
CA TYR I 85 27.89 -1.12 -20.94
C TYR I 85 27.35 0.00 -21.84
N LEU I 86 27.57 1.25 -21.48
CA LEU I 86 26.87 2.30 -22.18
C LEU I 86 27.44 2.63 -23.55
N PHE I 87 26.54 2.99 -24.46
CA PHE I 87 26.88 3.43 -25.83
C PHE I 87 27.61 2.37 -26.66
N THR I 88 27.45 1.12 -26.27
CA THR I 88 28.14 0.04 -26.93
C THR I 88 27.34 -0.47 -28.12
N ASN I 89 27.76 -1.61 -28.64
CA ASN I 89 27.18 -2.21 -29.85
C ASN I 89 27.12 -3.71 -29.74
N LYS I 90 27.83 -4.26 -28.78
CA LYS I 90 27.84 -5.69 -28.56
C LYS I 90 26.57 -6.09 -27.81
N PRO I 91 25.99 -7.25 -28.15
CA PRO I 91 25.01 -7.90 -27.29
C PRO I 91 25.27 -7.68 -25.81
N ILE I 92 24.23 -7.26 -25.09
CA ILE I 92 24.39 -6.81 -23.71
C ILE I 92 24.68 -7.97 -22.76
N ALA I 93 23.84 -8.98 -22.77
CA ALA I 93 24.16 -10.26 -22.15
C ALA I 93 24.30 -11.24 -23.29
N HIS I 94 23.36 -11.11 -24.23
CA HIS I 94 23.16 -11.97 -25.41
C HIS I 94 24.44 -12.14 -26.27
N ASP J 4 2.57 -5.35 -11.13
CA ASP J 4 1.93 -4.12 -11.65
C ASP J 4 2.97 -3.10 -12.16
N GLY J 5 2.77 -1.83 -11.80
CA GLY J 5 3.33 -0.73 -12.57
C GLY J 5 2.57 -0.48 -13.88
N TYR J 6 1.51 -1.24 -14.13
CA TYR J 6 0.62 -0.97 -15.28
C TYR J 6 -0.57 -0.07 -14.92
N PHE J 7 -0.57 1.15 -15.46
CA PHE J 7 -1.65 2.09 -15.17
C PHE J 7 -2.80 2.00 -16.17
N GLU J 8 -2.50 1.41 -17.32
CA GLU J 8 -3.50 1.11 -18.33
C GLU J 8 -3.63 -0.40 -18.56
N PRO J 9 -4.83 -0.84 -18.92
CA PRO J 9 -4.93 -2.28 -19.10
C PRO J 9 -3.86 -2.76 -20.10
N THR J 10 -3.16 -3.84 -19.75
CA THR J 10 -2.01 -4.37 -20.51
C THR J 10 -2.39 -4.62 -21.96
N GLN J 11 -3.64 -5.05 -22.14
CA GLN J 11 -4.14 -5.39 -23.45
C GLN J 11 -4.33 -4.18 -24.41
N GLU J 12 -4.25 -2.95 -23.88
CA GLU J 12 -4.37 -1.73 -24.72
C GLU J 12 -3.00 -1.15 -25.10
N LEU J 13 -1.94 -1.84 -24.68
CA LEU J 13 -0.57 -1.40 -25.01
C LEU J 13 0.14 -2.40 -25.93
N SER J 14 1.05 -1.92 -26.77
CA SER J 14 1.82 -2.78 -27.70
C SER J 14 2.88 -3.62 -26.99
N ASP J 15 3.33 -4.69 -27.65
CA ASP J 15 4.49 -5.47 -27.17
C ASP J 15 5.72 -4.57 -26.92
N GLU J 16 5.88 -3.56 -27.76
CA GLU J 16 6.93 -2.53 -27.65
C GLU J 16 6.82 -1.66 -26.38
N THR J 17 5.62 -1.12 -26.09
CA THR J 17 5.41 -0.35 -24.88
C THR J 17 5.58 -1.27 -23.66
N ARG J 18 5.15 -2.53 -23.77
CA ARG J 18 5.31 -3.47 -22.65
C ARG J 18 6.72 -3.97 -22.41
N ASP J 19 7.49 -4.21 -23.49
CA ASP J 19 8.91 -4.51 -23.31
C ASP J 19 9.61 -3.29 -22.72
N HIS J 21 8.15 -1.24 -20.77
CA HIS J 21 7.70 -1.15 -19.41
C HIS J 21 8.50 -2.14 -18.54
N ARG J 22 8.68 -3.35 -19.07
CA ARG J 22 9.51 -4.35 -18.43
C ARG J 22 10.93 -3.86 -18.05
N ALA J 23 11.50 -3.08 -18.97
CA ALA J 23 12.81 -2.54 -18.85
C ALA J 23 12.91 -1.44 -17.80
N ILE J 24 12.05 -0.45 -17.90
CA ILE J 24 12.05 0.62 -16.90
C ILE J 24 11.76 0.07 -15.47
N ILE J 25 10.70 -0.69 -15.29
CA ILE J 25 10.40 -1.23 -13.98
C ILE J 25 11.54 -2.09 -13.41
N SER J 26 12.20 -2.87 -14.26
CA SER J 26 13.33 -3.64 -13.75
C SER J 26 14.44 -2.70 -13.28
N LEU J 27 14.71 -1.67 -14.08
CA LEU J 27 15.74 -0.69 -13.74
C LEU J 27 15.33 0.07 -12.46
N ARG J 28 14.07 0.48 -12.33
CA ARG J 28 13.63 1.08 -11.05
C ARG J 28 13.85 0.20 -9.85
N GLU J 29 13.69 -1.10 -10.00
CA GLU J 29 13.86 -2.03 -8.88
C GLU J 29 15.31 -2.29 -8.60
N GLU J 30 16.13 -2.37 -9.66
CA GLU J 30 17.58 -2.46 -9.44
C GLU J 30 18.10 -1.18 -8.70
N LEU J 31 17.61 0.00 -9.10
CA LEU J 31 18.02 1.25 -8.44
C LEU J 31 17.58 1.26 -6.99
N GLU J 32 16.31 0.90 -6.76
CA GLU J 32 15.82 0.84 -5.39
C GLU J 32 16.66 -0.07 -4.53
N ALA J 33 17.05 -1.22 -5.04
CA ALA J 33 17.94 -2.12 -4.31
C ALA J 33 19.34 -1.54 -4.00
N VAL J 34 19.90 -0.75 -4.92
CA VAL J 34 21.16 -0.09 -4.68
C VAL J 34 21.01 0.78 -3.45
N ASP J 35 20.03 1.66 -3.53
CA ASP J 35 19.67 2.56 -2.48
C ASP J 35 19.42 1.79 -1.16
N LEU J 36 18.74 0.65 -1.21
CA LEU J 36 18.34 0.00 0.04
C LEU J 36 19.56 -0.66 0.66
N TYR J 37 20.36 -1.32 -0.16
CA TYR J 37 21.57 -1.96 0.29
C TYR J 37 22.57 -0.93 0.86
N ASN J 38 22.63 0.23 0.21
CA ASN J 38 23.39 1.36 0.67
C ASN J 38 23.09 1.77 2.07
N GLN J 39 21.79 1.89 2.36
CA GLN J 39 21.28 2.23 3.69
C GLN J 39 21.60 1.12 4.67
N ARG J 40 21.35 -0.14 4.30
CA ARG J 40 21.68 -1.27 5.19
C ARG J 40 23.17 -1.43 5.44
N VAL J 41 24.00 -1.09 4.45
CA VAL J 41 25.44 -1.17 4.58
C VAL J 41 25.90 -0.19 5.68
N ASN J 42 25.40 1.05 5.63
CA ASN J 42 25.65 2.14 6.58
C ASN J 42 25.23 1.78 8.02
N ALA J 43 24.03 1.19 8.14
CA ALA J 43 23.46 0.89 9.45
C ALA J 43 23.89 -0.46 9.97
N CYS J 44 24.47 -1.32 9.10
CA CYS J 44 24.81 -2.70 9.48
C CYS J 44 25.90 -2.77 10.55
N LYS J 45 25.81 -3.75 11.45
CA LYS J 45 26.90 -4.07 12.41
C LYS J 45 27.88 -5.23 12.01
N ASP J 46 27.35 -6.43 11.72
CA ASP J 46 28.15 -7.66 11.46
C ASP J 46 28.96 -7.48 10.18
N LYS J 47 30.28 -7.63 10.26
CA LYS J 47 31.15 -7.31 9.12
C LYS J 47 30.85 -8.18 7.91
N GLU J 48 30.61 -9.45 8.15
CA GLU J 48 30.31 -10.41 7.09
C GLU J 48 29.03 -10.02 6.33
N LEU J 49 27.94 -9.73 7.09
CA LEU J 49 26.74 -9.21 6.44
C LEU J 49 27.01 -7.93 5.65
N LYS J 50 27.72 -6.99 6.21
CA LYS J 50 28.00 -5.76 5.47
C LYS J 50 28.69 -6.08 4.13
N ALA J 51 29.66 -6.99 4.15
CA ALA J 51 30.37 -7.41 2.93
C ALA J 51 29.37 -8.03 1.92
N ILE J 52 28.49 -8.92 2.37
CA ILE J 52 27.51 -9.53 1.47
C ILE J 52 26.55 -8.44 0.90
N LEU J 53 26.21 -7.46 1.75
CA LEU J 53 25.30 -6.40 1.34
C LEU J 53 25.93 -5.49 0.32
N ALA J 54 27.20 -5.19 0.50
CA ALA J 54 27.98 -4.37 -0.44
C ALA J 54 28.19 -5.08 -1.76
N HIS J 55 28.47 -6.39 -1.70
CA HIS J 55 28.66 -7.25 -2.89
C HIS J 55 27.41 -7.42 -3.73
N ASN J 56 26.24 -7.51 -3.08
CA ASN J 56 24.98 -7.55 -3.79
C ASN J 56 24.64 -6.21 -4.46
N ARG J 57 24.80 -5.15 -3.69
CA ARG J 57 24.56 -3.76 -4.15
C ARG J 57 25.37 -3.39 -5.36
N ASP J 58 26.65 -3.77 -5.40
CA ASP J 58 27.46 -3.33 -6.50
C ASP J 58 27.07 -4.17 -7.72
N GLU J 59 26.94 -5.48 -7.54
CA GLU J 59 26.40 -6.30 -8.59
C GLU J 59 25.07 -5.71 -9.09
N GLU J 60 24.21 -5.15 -8.22
CA GLU J 60 22.92 -4.59 -8.74
C GLU J 60 23.21 -3.40 -9.68
N LYS J 61 24.30 -2.71 -9.46
CA LYS J 61 24.78 -1.66 -10.39
C LYS J 61 25.04 -2.10 -11.86
N GLU J 62 25.64 -3.29 -12.06
CA GLU J 62 25.74 -4.00 -13.37
C GLU J 62 24.39 -4.29 -14.04
N HIS J 63 23.44 -4.83 -13.28
CA HIS J 63 22.09 -5.00 -13.76
C HIS J 63 21.47 -3.68 -14.27
N ALA J 64 21.48 -2.68 -13.43
CA ALA J 64 20.98 -1.37 -13.74
C ALA J 64 21.57 -0.89 -15.07
N ALA J 65 22.90 -0.99 -15.21
CA ALA J 65 23.60 -0.51 -16.37
C ALA J 65 23.23 -1.28 -17.65
N LEU J 67 20.35 -2.99 -18.24
CA LEU J 67 18.95 -2.59 -18.52
C LEU J 67 18.85 -1.22 -19.21
N LEU J 68 19.66 -0.28 -18.79
CA LEU J 68 19.56 1.09 -19.27
C LEU J 68 20.21 1.22 -20.64
N GLU J 69 21.08 0.26 -20.98
CA GLU J 69 21.68 0.28 -22.31
C GLU J 69 20.60 -0.20 -23.25
N TRP J 70 19.85 -1.20 -22.80
CA TRP J 70 18.80 -1.70 -23.63
C TRP J 70 17.81 -0.57 -23.94
N ILE J 71 17.55 0.28 -22.94
CA ILE J 71 16.58 1.35 -23.09
C ILE J 71 17.09 2.33 -24.12
N ARG J 72 18.32 2.78 -23.99
CA ARG J 72 18.77 3.81 -24.92
C ARG J 72 18.88 3.29 -26.36
N ARG J 73 19.41 2.06 -26.54
CA ARG J 73 19.43 1.41 -27.86
C ARG J 73 18.08 1.37 -28.58
N CYS J 74 16.96 1.49 -27.87
CA CYS J 74 15.71 1.67 -28.62
C CYS J 74 14.94 2.92 -28.20
N ASP J 75 15.63 3.86 -27.58
CA ASP J 75 15.04 5.14 -27.26
C ASP J 75 16.02 6.23 -27.66
N PRO J 76 15.79 6.82 -28.85
CA PRO J 76 16.67 7.90 -29.30
C PRO J 76 16.44 9.20 -28.52
N ALA J 77 15.21 9.39 -28.00
CA ALA J 77 14.94 10.59 -27.18
C ALA J 77 15.68 10.51 -25.87
N PHE J 78 15.99 9.30 -25.46
CA PHE J 78 16.76 9.12 -24.23
C PHE J 78 18.25 8.95 -24.49
N ASP J 79 18.57 8.23 -25.55
CA ASP J 79 19.95 8.01 -25.96
C ASP J 79 20.63 9.37 -26.15
N LYS J 80 19.87 10.38 -26.57
CA LYS J 80 20.37 11.73 -26.67
C LYS J 80 20.70 12.34 -25.31
N GLU J 81 19.77 12.23 -24.38
CA GLU J 81 19.97 12.77 -23.02
C GLU J 81 21.21 12.20 -22.35
N LEU J 82 21.34 10.88 -22.40
CA LEU J 82 22.55 10.23 -21.90
C LEU J 82 23.79 10.76 -22.64
N LYS J 83 23.70 10.91 -23.96
CA LYS J 83 24.84 11.51 -24.71
C LYS J 83 25.33 12.88 -24.18
N ASP J 84 24.41 13.76 -23.80
CA ASP J 84 24.76 15.11 -23.32
C ASP J 84 25.40 15.05 -21.95
N TYR J 85 24.80 14.28 -21.04
CA TYR J 85 25.18 14.34 -19.62
C TYR J 85 26.23 13.32 -19.13
N LEU J 86 26.17 12.09 -19.62
CA LEU J 86 26.96 10.97 -19.12
C LEU J 86 28.44 11.01 -19.51
N PHE J 87 29.31 10.69 -18.56
CA PHE J 87 30.77 10.70 -18.77
C PHE J 87 31.36 12.10 -19.12
N THR J 88 30.75 13.16 -18.58
CA THR J 88 31.19 14.56 -18.77
C THR J 88 31.79 15.20 -17.51
N ASN J 89 32.38 16.40 -17.66
CA ASN J 89 32.96 17.20 -16.55
C ASN J 89 32.12 18.45 -16.19
N LYS J 90 31.29 18.86 -17.15
CA LYS J 90 30.44 20.06 -17.12
C LYS J 90 29.50 20.10 -15.91
N PRO J 91 29.28 21.31 -15.37
CA PRO J 91 28.26 21.38 -14.32
C PRO J 91 26.95 20.82 -14.83
N ILE J 92 26.44 19.77 -14.18
CA ILE J 92 25.08 19.24 -14.50
C ILE J 92 24.09 20.38 -14.38
N ALA J 93 24.26 21.17 -13.32
CA ALA J 93 23.41 22.32 -12.98
C ALA J 93 21.92 21.99 -13.07
#